data_8SBI
#
_entry.id   8SBI
#
_cell.length_a   143.810
_cell.length_b   55.640
_cell.length_c   103.070
_cell.angle_alpha   90.00
_cell.angle_beta   90.00
_cell.angle_gamma   90.00
#
_symmetry.space_group_name_H-M   'P 21 21 2'
#
loop_
_entity.id
_entity.type
_entity.pdbx_description
1 polymer 'Lanosterol 14-alpha demethylase'
2 non-polymer 'PROTOPORPHYRIN IX CONTAINING FE'
3 water water
#
_entity_poly.entity_id   1
_entity_poly.type   'polypeptide(L)'
_entity_poly.pdbx_seq_one_letter_code
;MAKKTSSKGKLPPYIFSPIPFLGHAIAFGKSPIEFLENAYEKYGPVFSFTMVGKTFTYLLGSDAAALLFNSKNEDLNAED
VYSRLTTPVFGKGVAYDVPNPVFLEQKKMLKSGLNIAHFKQHVSIIEKETKEYFESWGESGEKNVFEALSELIILTASHC
LHGKEIRSQLNEKVAQLYADLAGGFSHAAWLLPGWLPLPSFRRRDRAHREIKDIFYKAIQKRRQSQEKIDDILQTLLDAT
YKDGRPLTDDEVAGMLIGLLLAGQATSSTTSAWMGFFLARDKTLQKKCYLEQKTVCGENLPPLTYDQLKDLNLLDRCIKE
TLRLRPPIMIMMRMARTPQTVAGYTIPPGHQVCVSPTVNQRLKDSWVERLDFNPDRYLQDNPASGEKFAYVPFGAGRHRC
IGENFAYVQIKTIWSTMLRLYEFDLIDGYFPTVNYTTMIHTPENPVIRYKRRS
;
_entity_poly.pdbx_strand_id   A,B
#
# COMPACT_ATOMS: atom_id res chain seq x y z
N GLY A 9 -16.52 11.41 59.89
CA GLY A 9 -16.08 11.93 58.57
C GLY A 9 -17.23 12.58 57.81
N LYS A 10 -17.02 13.81 57.37
CA LYS A 10 -18.06 14.54 56.64
C LYS A 10 -18.25 13.95 55.24
N LEU A 11 -19.48 13.60 54.88
CA LEU A 11 -19.79 13.12 53.52
C LEU A 11 -19.76 14.31 52.56
N PRO A 12 -19.39 14.14 51.27
CA PRO A 12 -19.42 15.25 50.32
C PRO A 12 -20.79 15.92 50.24
N PRO A 13 -20.88 17.23 49.92
CA PRO A 13 -22.17 17.92 49.80
C PRO A 13 -23.05 17.23 48.77
N TYR A 14 -24.34 17.01 49.08
CA TYR A 14 -25.28 16.29 48.20
C TYR A 14 -26.26 17.25 47.52
N ILE A 15 -26.54 17.01 46.23
CA ILE A 15 -27.48 17.83 45.49
C ILE A 15 -28.85 17.14 45.54
N PHE A 16 -29.77 17.77 46.29
CA PHE A 16 -31.10 17.21 46.48
C PHE A 16 -31.84 17.16 45.15
N SER A 17 -32.64 16.11 44.96
CA SER A 17 -33.45 15.97 43.77
C SER A 17 -34.86 15.52 44.17
N PRO A 18 -35.92 16.21 43.69
CA PRO A 18 -37.28 15.76 43.94
C PRO A 18 -37.72 14.58 43.07
N ILE A 19 -36.83 14.07 42.22
CA ILE A 19 -37.13 12.95 41.33
C ILE A 19 -36.57 11.67 41.96
N PRO A 20 -37.42 10.73 42.40
CA PRO A 20 -36.97 9.66 43.31
C PRO A 20 -35.90 8.74 42.75
N PHE A 21 -36.23 8.05 41.66
CA PHE A 21 -35.30 7.08 41.12
C PHE A 21 -34.38 7.73 40.09
N LEU A 22 -34.96 8.46 39.15
CA LEU A 22 -34.17 9.09 38.10
C LEU A 22 -33.18 10.08 38.69
N GLY A 23 -33.62 10.87 39.67
CA GLY A 23 -32.76 11.90 40.24
C GLY A 23 -32.48 12.99 39.21
N HIS A 24 -31.20 13.31 39.02
CA HIS A 24 -30.77 14.34 38.08
C HIS A 24 -30.47 13.78 36.70
N ALA A 25 -31.05 12.63 36.35
CA ALA A 25 -30.64 11.91 35.13
C ALA A 25 -30.90 12.75 33.88
N ILE A 26 -32.04 13.46 33.84
CA ILE A 26 -32.43 14.16 32.62
C ILE A 26 -31.70 15.49 32.51
N ALA A 27 -31.66 16.29 33.59
CA ALA A 27 -30.90 17.53 33.57
C ALA A 27 -29.43 17.27 33.25
N PHE A 28 -28.91 16.13 33.71
CA PHE A 28 -27.51 15.79 33.43
C PHE A 28 -27.37 15.41 31.96
N GLY A 29 -28.28 14.58 31.47
CA GLY A 29 -28.23 14.09 30.09
C GLY A 29 -28.29 15.20 29.03
N LYS A 30 -29.05 16.26 29.30
CA LYS A 30 -29.21 17.33 28.30
C LYS A 30 -27.88 18.01 28.03
N SER A 31 -27.26 18.59 29.07
CA SER A 31 -25.91 19.18 28.94
C SER A 31 -25.09 18.75 30.15
N PRO A 32 -24.39 17.61 30.10
CA PRO A 32 -23.68 17.15 31.30
C PRO A 32 -22.56 18.09 31.72
N ILE A 33 -21.97 18.79 30.76
CA ILE A 33 -20.82 19.64 31.05
C ILE A 33 -21.30 20.90 31.79
N GLU A 34 -22.38 21.50 31.29
CA GLU A 34 -22.95 22.67 31.95
C GLU A 34 -23.49 22.28 33.32
N PHE A 35 -24.00 21.06 33.46
CA PHE A 35 -24.50 20.59 34.74
C PHE A 35 -23.37 20.54 35.77
N LEU A 36 -22.23 19.96 35.39
CA LEU A 36 -21.12 19.78 36.32
C LEU A 36 -20.41 21.10 36.61
N GLU A 37 -20.38 22.02 35.62
CA GLU A 37 -19.72 23.30 35.82
C GLU A 37 -20.51 24.15 36.81
N ASN A 38 -21.84 24.10 36.72
CA ASN A 38 -22.69 24.85 37.64
C ASN A 38 -22.57 24.27 39.04
N ALA A 39 -22.54 22.94 39.14
CA ALA A 39 -22.35 22.28 40.42
C ALA A 39 -21.01 22.68 41.04
N TYR A 40 -19.97 22.79 40.23
CA TYR A 40 -18.66 23.20 40.74
C TYR A 40 -18.75 24.58 41.37
N GLU A 41 -19.57 25.47 40.79
CA GLU A 41 -19.66 26.84 41.29
C GLU A 41 -20.44 26.87 42.59
N LYS A 42 -21.54 26.12 42.66
CA LYS A 42 -22.43 26.16 43.83
C LYS A 42 -21.91 25.27 44.96
N TYR A 43 -21.27 24.13 44.65
CA TYR A 43 -20.93 23.15 45.67
C TYR A 43 -19.43 22.92 45.84
N GLY A 44 -18.61 23.30 44.86
CA GLY A 44 -17.17 23.12 44.97
C GLY A 44 -16.65 21.89 44.24
N PRO A 45 -15.45 21.39 44.61
CA PRO A 45 -14.78 20.32 43.87
C PRO A 45 -15.40 18.93 44.04
N VAL A 46 -15.78 18.59 45.26
CA VAL A 46 -16.33 17.26 45.57
C VAL A 46 -17.79 17.45 45.95
N PHE A 47 -18.70 16.78 45.26
CA PHE A 47 -20.13 16.83 45.56
C PHE A 47 -20.75 15.49 45.15
N SER A 48 -21.98 15.19 45.59
CA SER A 48 -22.65 13.95 45.24
C SER A 48 -24.08 14.22 44.78
N PHE A 49 -24.60 13.34 43.94
CA PHE A 49 -25.99 13.35 43.53
C PHE A 49 -26.33 11.98 42.97
N THR A 50 -27.64 11.68 42.87
CA THR A 50 -28.06 10.37 42.39
C THR A 50 -28.67 10.48 40.99
N MET A 51 -28.36 9.48 40.18
CA MET A 51 -29.00 9.27 38.89
C MET A 51 -29.33 7.79 38.78
N VAL A 52 -30.59 7.50 38.41
CA VAL A 52 -31.04 6.13 38.19
C VAL A 52 -30.69 5.28 39.41
N GLY A 53 -31.08 5.75 40.59
CA GLY A 53 -30.89 5.01 41.84
C GLY A 53 -29.43 4.73 42.18
N LYS A 54 -28.51 5.39 41.48
CA LYS A 54 -27.09 5.29 41.76
C LYS A 54 -26.61 6.62 42.31
N THR A 55 -25.72 6.57 43.30
CA THR A 55 -25.14 7.77 43.89
C THR A 55 -23.74 7.99 43.33
N PHE A 56 -23.55 9.15 42.69
CA PHE A 56 -22.27 9.49 42.07
C PHE A 56 -21.62 10.61 42.88
N THR A 57 -20.30 10.49 43.08
CA THR A 57 -19.49 11.55 43.65
C THR A 57 -18.46 11.96 42.61
N TYR A 58 -18.48 13.24 42.23
CA TYR A 58 -17.62 13.75 41.18
C TYR A 58 -16.44 14.49 41.80
N LEU A 59 -15.27 14.29 41.19
CA LEU A 59 -14.03 14.96 41.60
C LEU A 59 -13.64 15.92 40.47
N LEU A 60 -13.90 17.21 40.70
CA LEU A 60 -13.54 18.23 39.73
C LEU A 60 -12.28 18.94 40.18
N GLY A 61 -11.48 19.34 39.20
CA GLY A 61 -10.20 19.98 39.47
C GLY A 61 -9.10 18.96 39.68
N SER A 62 -7.86 19.45 39.69
CA SER A 62 -6.70 18.57 39.73
C SER A 62 -6.55 17.94 41.10
N ASP A 63 -6.67 18.76 42.15
CA ASP A 63 -6.46 18.26 43.50
C ASP A 63 -7.45 17.14 43.80
N ALA A 64 -8.72 17.35 43.47
CA ALA A 64 -9.74 16.35 43.75
C ALA A 64 -9.52 15.09 42.90
N ALA A 65 -9.24 15.27 41.61
CA ALA A 65 -9.10 14.13 40.71
C ALA A 65 -7.96 13.21 41.12
N ALA A 66 -6.93 13.76 41.75
CA ALA A 66 -5.80 12.98 42.27
C ALA A 66 -6.27 11.69 42.96
N LEU A 67 -7.38 11.74 43.70
CA LEU A 67 -7.83 10.59 44.47
C LEU A 67 -8.00 9.41 43.52
N LEU A 68 -8.74 9.59 42.43
CA LEU A 68 -9.01 8.52 41.49
C LEU A 68 -7.75 8.15 40.72
N PHE A 69 -6.98 9.17 40.29
CA PHE A 69 -5.85 8.92 39.40
C PHE A 69 -4.69 8.24 40.12
N ASN A 70 -4.67 8.28 41.44
CA ASN A 70 -3.64 7.64 42.24
C ASN A 70 -4.16 6.36 42.90
N SER A 71 -5.43 6.04 42.72
CA SER A 71 -6.08 4.99 43.50
C SER A 71 -5.57 3.62 43.09
N LYS A 72 -5.82 2.65 43.97
CA LYS A 72 -5.62 1.24 43.65
C LYS A 72 -6.99 0.63 43.38
N ASN A 73 -6.99 -0.41 42.55
CA ASN A 73 -8.24 -1.02 42.10
C ASN A 73 -8.97 -1.71 43.26
N GLU A 74 -8.26 -2.04 44.35
CA GLU A 74 -8.90 -2.64 45.51
C GLU A 74 -9.82 -1.62 46.19
N ASP A 75 -9.40 -0.35 46.20
CA ASP A 75 -10.12 0.73 46.83
C ASP A 75 -11.17 1.33 45.89
N LEU A 76 -10.76 1.64 44.66
CA LEU A 76 -11.67 2.17 43.64
C LEU A 76 -11.66 1.22 42.44
N ASN A 77 -12.76 0.51 42.24
CA ASN A 77 -12.80 -0.66 41.38
C ASN A 77 -13.37 -0.32 40.02
N ALA A 78 -12.76 -0.86 38.96
CA ALA A 78 -13.19 -0.62 37.60
C ALA A 78 -14.20 -1.66 37.10
N GLU A 79 -13.98 -2.94 37.43
CA GLU A 79 -14.80 -4.02 36.88
C GLU A 79 -16.25 -3.88 37.32
N ASP A 80 -16.45 -3.41 38.57
CA ASP A 80 -17.79 -3.21 39.10
C ASP A 80 -18.62 -2.33 38.18
N VAL A 81 -18.03 -1.24 37.67
CA VAL A 81 -18.80 -0.26 36.93
C VAL A 81 -18.81 -0.56 35.43
N TYR A 82 -17.78 -1.26 34.93
CA TYR A 82 -17.63 -1.39 33.45
C TYR A 82 -17.84 -2.78 32.84
N SER A 83 -18.09 -3.83 33.62
CA SER A 83 -18.13 -5.18 33.01
C SER A 83 -19.47 -5.48 32.32
N ARG A 84 -20.58 -5.07 32.92
CA ARG A 84 -21.92 -5.41 32.36
C ARG A 84 -22.03 -4.81 30.96
N LEU A 85 -21.34 -3.71 30.70
CA LEU A 85 -21.32 -3.17 29.33
C LEU A 85 -20.32 -3.92 28.48
N THR A 86 -19.12 -4.09 29.02
CA THR A 86 -17.95 -4.59 28.28
C THR A 86 -18.06 -6.08 27.92
N THR A 87 -18.39 -6.93 28.88
CA THR A 87 -18.30 -8.39 28.68
C THR A 87 -19.14 -8.81 27.47
N PRO A 88 -20.42 -8.38 27.34
CA PRO A 88 -21.24 -8.72 26.18
C PRO A 88 -20.62 -8.38 24.81
N VAL A 89 -19.80 -7.32 24.74
CA VAL A 89 -19.21 -6.89 23.46
C VAL A 89 -17.89 -7.60 23.15
N PHE A 90 -16.97 -7.67 24.13
CA PHE A 90 -15.62 -8.21 23.91
C PHE A 90 -15.58 -9.71 24.19
N GLY A 91 -16.48 -10.21 25.05
CA GLY A 91 -16.58 -11.62 25.34
C GLY A 91 -16.05 -11.96 26.72
N LYS A 92 -16.24 -13.22 27.11
CA LYS A 92 -15.81 -13.69 28.41
C LYS A 92 -14.29 -13.80 28.45
N GLY A 93 -13.75 -13.84 29.67
CA GLY A 93 -12.33 -14.11 29.88
C GLY A 93 -11.40 -12.97 29.49
N VAL A 94 -11.93 -11.81 29.16
CA VAL A 94 -11.10 -10.71 28.68
C VAL A 94 -11.53 -9.42 29.35
N ALA A 95 -10.56 -8.53 29.61
CA ALA A 95 -10.82 -7.17 30.09
C ALA A 95 -11.50 -7.26 31.45
N TYR A 96 -12.60 -6.54 31.63
CA TYR A 96 -13.23 -6.45 32.94
C TYR A 96 -14.03 -7.67 33.38
N ASP A 97 -13.95 -8.78 32.64
CA ASP A 97 -14.56 -10.02 33.07
C ASP A 97 -13.58 -10.86 33.89
N VAL A 98 -12.35 -10.40 34.06
CA VAL A 98 -11.32 -11.15 34.77
C VAL A 98 -10.80 -10.29 35.91
N PRO A 99 -10.21 -10.92 36.95
CA PRO A 99 -9.51 -10.18 37.99
C PRO A 99 -8.51 -9.19 37.40
N ASN A 100 -8.40 -8.03 38.02
CA ASN A 100 -7.52 -6.96 37.56
C ASN A 100 -6.10 -7.46 37.30
N PRO A 101 -5.48 -8.31 38.14
CA PRO A 101 -4.16 -8.86 37.82
C PRO A 101 -4.12 -9.59 36.49
N VAL A 102 -5.15 -10.41 36.20
CA VAL A 102 -5.22 -11.12 34.93
C VAL A 102 -5.36 -10.13 33.78
N PHE A 103 -6.15 -9.08 33.98
CA PHE A 103 -6.27 -8.02 32.98
C PHE A 103 -4.94 -7.30 32.78
N LEU A 104 -4.15 -7.12 33.84
CA LEU A 104 -2.85 -6.45 33.72
C LEU A 104 -1.87 -7.27 32.89
N GLU A 105 -1.96 -8.60 33.01
CA GLU A 105 -1.14 -9.49 32.18
C GLU A 105 -1.57 -9.34 30.72
N GLN A 106 -2.87 -9.33 30.47
CA GLN A 106 -3.38 -9.14 29.09
C GLN A 106 -2.86 -7.81 28.54
N LYS A 107 -2.93 -6.76 29.34
CA LYS A 107 -2.50 -5.42 28.90
C LYS A 107 -1.03 -5.45 28.48
N LYS A 108 -0.18 -6.07 29.28
CA LYS A 108 1.28 -6.10 28.99
C LYS A 108 1.52 -6.84 27.69
N MET A 109 0.80 -7.93 27.46
CA MET A 109 0.93 -8.69 26.21
C MET A 109 0.70 -7.76 25.03
N LEU A 110 -0.41 -7.02 25.08
CA LEU A 110 -0.80 -6.08 24.01
C LEU A 110 0.31 -5.05 23.77
N LYS A 111 1.07 -4.70 24.82
CA LYS A 111 2.13 -3.69 24.72
C LYS A 111 3.23 -4.14 23.76
N SER A 112 3.34 -5.45 23.49
CA SER A 112 4.42 -5.98 22.65
C SER A 112 4.32 -5.41 21.24
N GLY A 113 3.11 -5.04 20.82
CA GLY A 113 2.93 -4.41 19.52
C GLY A 113 2.63 -2.92 19.60
N LEU A 114 2.66 -2.34 20.81
CA LEU A 114 2.37 -0.93 21.00
C LEU A 114 3.63 -0.18 21.40
N ASN A 115 4.65 -0.20 20.54
CA ASN A 115 5.96 0.40 20.85
C ASN A 115 6.52 1.08 19.62
N ILE A 116 7.64 1.77 19.80
CA ILE A 116 8.23 2.60 18.74
C ILE A 116 8.66 1.74 17.56
N ALA A 117 9.28 0.59 17.83
CA ALA A 117 9.72 -0.29 16.74
C ALA A 117 8.57 -0.61 15.80
N HIS A 118 7.37 -0.85 16.35
CA HIS A 118 6.20 -1.12 15.55
C HIS A 118 5.59 0.15 14.99
N PHE A 119 5.61 1.25 15.76
CA PHE A 119 5.04 2.51 15.28
C PHE A 119 5.75 2.99 14.03
N LYS A 120 7.03 2.68 13.89
CA LYS A 120 7.75 3.01 12.67
C LYS A 120 7.14 2.28 11.49
N GLN A 121 6.61 1.07 11.73
CA GLN A 121 5.99 0.28 10.67
C GLN A 121 4.58 0.81 10.41
N HIS A 122 3.91 1.29 11.45
CA HIS A 122 2.52 1.72 11.34
C HIS A 122 2.39 2.96 10.48
N VAL A 123 3.39 3.84 10.51
CA VAL A 123 3.23 5.15 9.89
C VAL A 123 2.93 5.02 8.41
N SER A 124 3.68 4.16 7.71
CA SER A 124 3.51 4.01 6.27
C SER A 124 2.26 3.19 5.95
N ILE A 125 1.91 2.23 6.84
CA ILE A 125 0.64 1.52 6.71
C ILE A 125 -0.53 2.52 6.74
N ILE A 126 -0.53 3.46 7.68
CA ILE A 126 -1.70 4.36 7.87
C ILE A 126 -1.77 5.38 6.74
N GLU A 127 -0.63 5.91 6.31
CA GLU A 127 -0.56 6.89 5.22
C GLU A 127 -1.16 6.29 3.95
N LYS A 128 -0.75 5.07 3.64
CA LYS A 128 -1.17 4.39 2.40
C LYS A 128 -2.68 4.14 2.44
N GLU A 129 -3.20 3.73 3.59
CA GLU A 129 -4.64 3.51 3.75
C GLU A 129 -5.39 4.82 3.60
N THR A 130 -4.88 5.89 4.21
CA THR A 130 -5.53 7.20 4.12
C THR A 130 -5.62 7.62 2.64
N LYS A 131 -4.53 7.44 1.89
CA LYS A 131 -4.51 7.84 0.48
C LYS A 131 -5.50 7.01 -0.32
N GLU A 132 -5.44 5.68 -0.16
CA GLU A 132 -6.29 4.80 -0.93
C GLU A 132 -7.76 5.06 -0.62
N TYR A 133 -8.08 5.31 0.66
CA TYR A 133 -9.46 5.56 1.02
C TYR A 133 -9.97 6.84 0.36
N PHE A 134 -9.18 7.91 0.42
CA PHE A 134 -9.66 9.20 -0.03
C PHE A 134 -9.57 9.35 -1.55
N GLU A 135 -9.08 8.33 -2.26
CA GLU A 135 -9.26 8.27 -3.70
C GLU A 135 -10.74 8.49 -4.05
N SER A 136 -11.63 7.86 -3.29
CA SER A 136 -13.06 7.85 -3.58
C SER A 136 -13.73 9.19 -3.27
N TRP A 137 -12.97 10.18 -2.78
CA TRP A 137 -13.51 11.49 -2.49
C TRP A 137 -13.39 12.47 -3.67
N GLY A 138 -12.63 12.11 -4.70
CA GLY A 138 -12.47 13.00 -5.84
C GLY A 138 -11.66 14.25 -5.51
N GLU A 139 -11.86 15.29 -6.32
CA GLU A 139 -11.07 16.51 -6.20
C GLU A 139 -11.71 17.50 -5.22
N SER A 140 -13.03 17.46 -5.06
CA SER A 140 -13.73 18.37 -4.16
C SER A 140 -15.13 17.84 -3.90
N GLY A 141 -15.79 18.40 -2.89
CA GLY A 141 -17.18 18.06 -2.60
C GLY A 141 -17.56 18.49 -1.18
N GLU A 142 -18.67 17.90 -0.72
CA GLU A 142 -19.14 18.06 0.64
C GLU A 142 -19.52 16.68 1.16
N LYS A 143 -18.70 16.13 2.07
CA LYS A 143 -18.92 14.79 2.59
C LYS A 143 -18.80 14.77 4.10
N ASN A 144 -19.37 13.73 4.71
CA ASN A 144 -19.33 13.52 6.16
C ASN A 144 -17.97 12.97 6.54
N VAL A 145 -17.14 13.78 7.20
CA VAL A 145 -15.76 13.37 7.54
C VAL A 145 -15.80 12.38 8.70
N PHE A 146 -16.84 12.44 9.53
CA PHE A 146 -16.96 11.55 10.70
C PHE A 146 -17.21 10.12 10.23
N GLU A 147 -18.15 9.96 9.29
CA GLU A 147 -18.42 8.62 8.73
C GLU A 147 -17.15 8.12 8.05
N ALA A 148 -16.43 9.01 7.38
CA ALA A 148 -15.26 8.62 6.62
C ALA A 148 -14.15 8.15 7.56
N LEU A 149 -13.90 8.93 8.59
CA LEU A 149 -12.79 8.63 9.50
C LEU A 149 -13.08 7.35 10.26
N SER A 150 -14.36 7.10 10.57
CA SER A 150 -14.76 5.84 11.20
C SER A 150 -14.34 4.67 10.32
N GLU A 151 -14.66 4.75 9.02
CA GLU A 151 -14.37 3.66 8.08
C GLU A 151 -12.86 3.50 7.89
N LEU A 152 -12.11 4.62 7.82
CA LEU A 152 -10.67 4.56 7.63
C LEU A 152 -9.97 4.03 8.88
N ILE A 153 -10.40 4.47 10.06
CA ILE A 153 -9.74 4.11 11.33
C ILE A 153 -9.98 2.62 11.62
N ILE A 154 -11.07 2.05 11.09
CA ILE A 154 -11.32 0.60 11.25
C ILE A 154 -10.27 -0.14 10.42
N LEU A 155 -10.04 0.32 9.20
CA LEU A 155 -9.11 -0.35 8.28
C LEU A 155 -7.66 -0.15 8.76
N THR A 156 -7.36 1.00 9.35
CA THR A 156 -5.98 1.32 9.73
C THR A 156 -5.60 0.58 11.00
N ALA A 157 -6.51 0.46 11.97
CA ALA A 157 -6.21 -0.19 13.25
C ALA A 157 -6.25 -1.70 13.11
N SER A 158 -7.06 -2.20 12.17
CA SER A 158 -7.10 -3.64 11.86
C SER A 158 -5.79 -4.05 11.19
N HIS A 159 -5.18 -3.15 10.43
CA HIS A 159 -3.96 -3.44 9.68
C HIS A 159 -2.77 -3.45 10.64
N CYS A 160 -2.64 -2.40 11.45
CA CYS A 160 -1.49 -2.24 12.34
C CYS A 160 -1.58 -3.19 13.54
N LEU A 161 -2.77 -3.35 14.11
CA LEU A 161 -2.88 -4.04 15.40
C LEU A 161 -3.39 -5.48 15.24
N HIS A 162 -4.28 -5.73 14.27
CA HIS A 162 -4.89 -7.06 14.14
C HIS A 162 -4.05 -7.94 13.20
N GLY A 163 -3.42 -7.33 12.20
CA GLY A 163 -2.61 -8.06 11.22
C GLY A 163 -3.21 -8.01 9.82
N LYS A 164 -2.53 -8.65 8.86
CA LYS A 164 -2.91 -8.60 7.44
C LYS A 164 -3.84 -9.77 7.08
N GLU A 165 -3.92 -10.77 7.95
CA GLU A 165 -4.80 -11.93 7.71
C GLU A 165 -6.22 -11.57 8.11
N ILE A 166 -6.36 -10.56 8.97
CA ILE A 166 -7.68 -10.06 9.41
C ILE A 166 -8.06 -8.88 8.51
N ARG A 167 -7.09 -8.04 8.15
CA ARG A 167 -7.34 -6.86 7.30
C ARG A 167 -7.82 -7.30 5.92
N SER A 168 -7.31 -8.44 5.42
CA SER A 168 -7.73 -8.97 4.12
C SER A 168 -9.19 -9.45 4.17
N GLN A 169 -9.69 -9.72 5.39
CA GLN A 169 -11.05 -10.22 5.57
C GLN A 169 -11.98 -9.08 5.99
N LEU A 170 -11.59 -7.83 5.74
CA LEU A 170 -12.34 -6.66 6.21
C LEU A 170 -13.12 -6.07 5.02
N ASN A 171 -14.44 -6.14 5.09
CA ASN A 171 -15.31 -5.61 4.04
C ASN A 171 -16.41 -4.78 4.70
N GLU A 172 -17.35 -4.31 3.89
CA GLU A 172 -18.49 -3.53 4.40
C GLU A 172 -19.29 -4.38 5.39
N LYS A 173 -19.46 -5.68 5.12
CA LYS A 173 -20.17 -6.58 6.03
C LYS A 173 -19.52 -6.55 7.41
N VAL A 174 -18.22 -6.84 7.49
CA VAL A 174 -17.50 -6.90 8.77
C VAL A 174 -17.48 -5.52 9.44
N ALA A 175 -17.44 -4.45 8.66
CA ALA A 175 -17.46 -3.10 9.22
C ALA A 175 -18.80 -2.86 9.92
N GLN A 176 -19.90 -3.39 9.35
CA GLN A 176 -21.21 -3.26 9.99
C GLN A 176 -21.19 -4.03 11.32
N LEU A 177 -20.72 -5.27 11.27
CA LEU A 177 -20.66 -6.11 12.47
C LEU A 177 -19.96 -5.38 13.61
N TYR A 178 -18.91 -4.62 13.30
CA TYR A 178 -18.14 -3.88 14.31
C TYR A 178 -18.99 -2.75 14.88
N ALA A 179 -19.81 -2.12 14.02
CA ALA A 179 -20.72 -1.06 14.46
C ALA A 179 -21.89 -1.66 15.26
N ASP A 180 -22.30 -2.89 14.93
CA ASP A 180 -23.35 -3.62 15.66
C ASP A 180 -22.88 -3.95 17.07
N LEU A 181 -21.61 -4.32 17.22
CA LEU A 181 -21.01 -4.58 18.54
C LEU A 181 -20.82 -3.27 19.30
N ALA A 182 -20.56 -2.18 18.58
CA ALA A 182 -20.41 -0.85 19.19
C ALA A 182 -21.75 -0.33 19.68
N GLY A 183 -22.85 -0.94 19.23
CA GLY A 183 -24.20 -0.60 19.71
C GLY A 183 -24.44 -1.14 21.11
N GLY A 184 -23.56 -2.04 21.56
CA GLY A 184 -23.61 -2.56 22.93
C GLY A 184 -23.18 -1.50 23.93
N PHE A 185 -22.62 -0.39 23.47
CA PHE A 185 -22.23 0.72 24.34
C PHE A 185 -23.34 1.75 24.34
N SER A 186 -24.40 1.45 25.08
CA SER A 186 -25.58 2.31 25.18
C SER A 186 -25.89 2.50 26.67
N HIS A 187 -26.70 3.50 26.98
CA HIS A 187 -27.14 3.68 28.37
C HIS A 187 -28.10 2.54 28.71
N ALA A 188 -28.68 1.90 27.68
CA ALA A 188 -29.66 0.82 27.88
C ALA A 188 -28.93 -0.47 28.22
N ALA A 189 -27.74 -0.63 27.67
CA ALA A 189 -26.92 -1.79 27.97
C ALA A 189 -26.38 -1.67 29.40
N TRP A 190 -26.21 -0.44 29.86
CA TRP A 190 -25.66 -0.18 31.19
C TRP A 190 -26.75 -0.39 32.25
N LEU A 191 -27.93 0.14 31.98
CA LEU A 191 -28.99 0.10 33.02
C LEU A 191 -29.82 -1.19 32.88
N LEU A 192 -30.30 -1.50 31.69
CA LEU A 192 -31.21 -2.66 31.54
C LEU A 192 -30.44 -3.97 31.37
N PRO A 193 -30.98 -5.11 31.86
CA PRO A 193 -30.32 -6.41 31.73
C PRO A 193 -30.06 -6.82 30.28
N GLY A 194 -28.90 -7.43 30.02
CA GLY A 194 -28.44 -7.75 28.67
C GLY A 194 -29.27 -8.79 27.93
N TRP A 195 -29.87 -9.73 28.65
CA TRP A 195 -30.70 -10.78 28.03
C TRP A 195 -31.99 -10.19 27.44
N LEU A 196 -32.34 -8.96 27.79
CA LEU A 196 -33.65 -8.38 27.35
C LEU A 196 -33.75 -8.42 25.83
N PRO A 197 -34.93 -8.76 25.25
CA PRO A 197 -35.09 -8.85 23.81
C PRO A 197 -35.19 -7.45 23.19
N LEU A 198 -34.10 -6.69 23.27
CA LEU A 198 -34.03 -5.35 22.67
C LEU A 198 -33.19 -5.43 21.39
N PRO A 199 -33.46 -4.56 20.39
CA PRO A 199 -32.81 -4.67 19.08
C PRO A 199 -31.29 -4.55 19.11
N SER A 200 -30.78 -3.52 19.79
CA SER A 200 -29.33 -3.30 19.82
C SER A 200 -28.61 -4.49 20.45
N PHE A 201 -29.25 -5.12 21.43
CA PHE A 201 -28.60 -6.21 22.18
C PHE A 201 -28.46 -7.42 21.26
N ARG A 202 -29.48 -7.73 20.48
CA ARG A 202 -29.45 -8.91 19.57
C ARG A 202 -28.40 -8.73 18.47
N ARG A 203 -28.27 -7.52 17.93
CA ARG A 203 -27.23 -7.23 16.90
C ARG A 203 -25.85 -7.41 17.51
N ARG A 204 -25.64 -6.96 18.75
CA ARG A 204 -24.33 -7.14 19.41
C ARG A 204 -24.04 -8.63 19.51
N ASP A 205 -24.93 -9.35 20.16
CA ASP A 205 -24.69 -10.79 20.41
C ASP A 205 -24.52 -11.52 19.08
N ARG A 206 -25.21 -11.09 18.04
CA ARG A 206 -25.14 -11.82 16.75
C ARG A 206 -23.81 -11.50 16.08
N ALA A 207 -23.45 -10.22 16.03
CA ALA A 207 -22.17 -9.80 15.42
C ALA A 207 -21.02 -10.43 16.18
N HIS A 208 -21.06 -10.33 17.51
CA HIS A 208 -20.00 -10.93 18.35
C HIS A 208 -19.72 -12.34 17.85
N ARG A 209 -20.75 -13.16 17.76
CA ARG A 209 -20.53 -14.57 17.39
C ARG A 209 -19.92 -14.66 16.00
N GLU A 210 -20.34 -13.78 15.09
CA GLU A 210 -19.86 -13.81 13.70
C GLU A 210 -18.42 -13.29 13.58
N ILE A 211 -18.11 -12.19 14.28
CA ILE A 211 -16.77 -11.58 14.21
C ILE A 211 -15.75 -12.53 14.82
N LYS A 212 -16.10 -13.12 15.96
CA LYS A 212 -15.26 -14.15 16.60
C LYS A 212 -14.91 -15.23 15.58
N ASP A 213 -15.87 -15.65 14.76
CA ASP A 213 -15.68 -16.74 13.81
C ASP A 213 -14.71 -16.32 12.72
N ILE A 214 -14.82 -15.08 12.25
CA ILE A 214 -13.86 -14.56 11.26
C ILE A 214 -12.47 -14.59 11.88
N PHE A 215 -12.37 -14.20 13.16
CA PHE A 215 -11.10 -14.16 13.89
C PHE A 215 -10.60 -15.57 14.16
N TYR A 216 -11.49 -16.56 14.34
CA TYR A 216 -11.11 -17.95 14.65
C TYR A 216 -10.37 -18.58 13.48
N LYS A 217 -10.83 -18.33 12.24
CA LYS A 217 -10.21 -18.94 11.07
C LYS A 217 -8.87 -18.26 10.77
N ALA A 218 -8.74 -16.96 11.07
CA ALA A 218 -7.48 -16.23 10.89
C ALA A 218 -6.44 -16.70 11.91
N ILE A 219 -6.88 -16.98 13.14
CA ILE A 219 -5.99 -17.52 14.19
C ILE A 219 -5.44 -18.87 13.71
N GLN A 220 -6.32 -19.76 13.26
CA GLN A 220 -5.89 -21.09 12.83
C GLN A 220 -4.88 -20.95 11.70
N LYS A 221 -5.18 -20.08 10.74
CA LYS A 221 -4.29 -19.93 9.57
C LYS A 221 -2.88 -19.63 10.07
N ARG A 222 -2.76 -18.74 11.03
CA ARG A 222 -1.40 -18.34 11.48
C ARG A 222 -0.80 -19.48 12.30
N ARG A 223 -1.58 -20.08 13.19
CA ARG A 223 -1.04 -21.15 14.06
C ARG A 223 -0.26 -22.15 13.23
N GLN A 224 -0.71 -22.44 12.02
CA GLN A 224 -0.07 -23.46 11.18
C GLN A 224 0.81 -22.77 10.14
N SER A 225 1.54 -21.72 10.56
CA SER A 225 2.34 -20.94 9.60
C SER A 225 3.79 -21.40 9.68
N GLN A 226 4.51 -21.28 8.56
CA GLN A 226 5.93 -21.66 8.53
C GLN A 226 6.76 -20.61 9.25
N GLU A 227 6.56 -19.34 8.87
CA GLU A 227 7.33 -18.23 9.44
C GLU A 227 6.47 -17.52 10.48
N LYS A 228 7.13 -16.80 11.39
CA LYS A 228 6.41 -16.05 12.42
C LYS A 228 6.50 -14.57 12.09
N ILE A 229 5.48 -13.81 12.49
CA ILE A 229 5.44 -12.37 12.29
C ILE A 229 5.59 -11.70 13.66
N ASP A 230 6.42 -10.67 13.76
CA ASP A 230 6.46 -9.91 15.02
C ASP A 230 5.24 -8.98 15.02
N ASP A 231 4.15 -9.39 15.67
CA ASP A 231 2.99 -8.50 15.87
C ASP A 231 2.21 -8.98 17.08
N ILE A 232 1.11 -8.29 17.42
CA ILE A 232 0.34 -8.54 18.65
C ILE A 232 -0.31 -9.92 18.57
N LEU A 233 -0.91 -10.30 17.44
CA LEU A 233 -1.52 -11.62 17.28
C LEU A 233 -0.49 -12.70 17.61
N GLN A 234 0.72 -12.60 17.05
CA GLN A 234 1.72 -13.65 17.26
C GLN A 234 2.00 -13.80 18.75
N THR A 235 2.16 -12.66 19.45
CA THR A 235 2.40 -12.68 20.89
C THR A 235 1.26 -13.39 21.59
N LEU A 236 0.01 -12.99 21.32
CA LEU A 236 -1.15 -13.53 22.03
C LEU A 236 -1.31 -15.03 21.74
N LEU A 237 -0.90 -15.45 20.54
CA LEU A 237 -1.02 -16.85 20.13
C LEU A 237 0.05 -17.70 20.84
N ASP A 238 1.22 -17.10 21.07
CA ASP A 238 2.37 -17.86 21.57
C ASP A 238 2.62 -17.57 23.05
N ALA A 239 1.91 -16.58 23.60
CA ALA A 239 2.14 -16.16 24.99
C ALA A 239 1.37 -17.03 25.97
N THR A 240 1.76 -16.95 27.24
CA THR A 240 1.07 -17.62 28.34
C THR A 240 0.98 -16.65 29.51
N TYR A 241 0.08 -16.92 30.46
CA TYR A 241 0.08 -16.18 31.73
C TYR A 241 1.32 -16.60 32.52
N LYS A 242 1.61 -15.97 33.66
CA LYS A 242 2.76 -16.43 34.45
C LYS A 242 2.50 -17.87 34.88
N ASP A 243 1.26 -18.16 35.28
CA ASP A 243 0.81 -19.53 35.58
C ASP A 243 1.33 -20.52 34.55
N GLY A 244 1.51 -20.06 33.30
CA GLY A 244 1.84 -20.95 32.19
C GLY A 244 0.58 -21.32 31.42
N ARG A 245 -0.55 -20.71 31.80
CA ARG A 245 -1.83 -20.95 31.15
C ARG A 245 -1.84 -20.25 29.80
N PRO A 246 -2.11 -20.98 28.69
CA PRO A 246 -2.13 -20.38 27.36
C PRO A 246 -3.45 -19.62 27.18
N LEU A 247 -3.46 -18.68 26.23
CA LEU A 247 -4.68 -17.95 25.91
C LEU A 247 -5.59 -18.82 25.04
N THR A 248 -6.90 -18.64 25.16
CA THR A 248 -7.84 -19.36 24.30
C THR A 248 -7.93 -18.62 22.98
N ASP A 249 -8.45 -19.29 21.94
CA ASP A 249 -8.70 -18.59 20.68
C ASP A 249 -9.78 -17.53 20.90
N ASP A 250 -10.70 -17.79 21.83
CA ASP A 250 -11.74 -16.80 22.17
C ASP A 250 -11.10 -15.58 22.85
N GLU A 251 -10.16 -15.80 23.78
CA GLU A 251 -9.52 -14.70 24.52
C GLU A 251 -8.74 -13.80 23.56
N VAL A 252 -7.98 -14.40 22.65
CA VAL A 252 -7.17 -13.64 21.68
C VAL A 252 -8.10 -12.70 20.91
N ALA A 253 -9.15 -13.27 20.31
CA ALA A 253 -10.08 -12.49 19.51
C ALA A 253 -10.64 -11.33 20.34
N GLY A 254 -11.14 -11.64 21.54
CA GLY A 254 -11.79 -10.63 22.39
C GLY A 254 -10.85 -9.49 22.72
N MET A 255 -9.59 -9.82 22.99
CA MET A 255 -8.58 -8.82 23.33
C MET A 255 -8.31 -7.94 22.10
N LEU A 256 -8.39 -8.50 20.89
CA LEU A 256 -8.14 -7.75 19.66
C LEU A 256 -9.34 -6.88 19.31
N ILE A 257 -10.54 -7.47 19.35
CA ILE A 257 -11.79 -6.75 19.10
C ILE A 257 -11.89 -5.60 20.09
N GLY A 258 -11.51 -5.84 21.34
CA GLY A 258 -11.59 -4.84 22.41
C GLY A 258 -10.56 -3.74 22.22
N LEU A 259 -9.36 -4.10 21.77
CA LEU A 259 -8.30 -3.11 21.50
C LEU A 259 -8.80 -2.15 20.42
N LEU A 260 -9.37 -2.68 19.34
CA LEU A 260 -9.78 -1.86 18.20
C LEU A 260 -10.99 -1.01 18.57
N LEU A 261 -11.94 -1.57 19.30
CA LEU A 261 -13.19 -0.86 19.62
C LEU A 261 -12.92 0.25 20.64
N ALA A 262 -11.87 0.10 21.45
CA ALA A 262 -11.51 1.11 22.46
C ALA A 262 -10.95 2.37 21.79
N GLY A 263 -10.35 2.23 20.62
CA GLY A 263 -9.69 3.39 19.99
C GLY A 263 -10.33 3.79 18.69
N GLN A 264 -11.58 3.43 18.50
CA GLN A 264 -12.27 3.71 17.23
C GLN A 264 -13.09 4.97 17.39
N ALA A 265 -14.10 4.90 18.23
CA ALA A 265 -15.00 6.05 18.43
C ALA A 265 -14.25 7.12 19.20
N THR A 266 -13.16 6.76 19.87
CA THR A 266 -12.34 7.74 20.56
C THR A 266 -11.49 8.52 19.55
N SER A 267 -10.89 7.82 18.60
CA SER A 267 -10.01 8.44 17.61
C SER A 267 -10.82 9.06 16.46
N SER A 268 -11.93 8.44 16.11
CA SER A 268 -12.74 8.94 14.98
C SER A 268 -13.39 10.28 15.33
N THR A 269 -13.81 10.46 16.60
CA THR A 269 -14.47 11.71 16.98
C THR A 269 -13.42 12.81 17.08
N THR A 270 -12.26 12.49 17.66
CA THR A 270 -11.22 13.51 17.87
C THR A 270 -10.71 13.98 16.52
N SER A 271 -10.51 13.01 15.62
CA SER A 271 -9.98 13.31 14.29
C SER A 271 -10.95 14.25 13.59
N ALA A 272 -12.24 13.98 13.74
CA ALA A 272 -13.27 14.76 13.05
C ALA A 272 -13.38 16.18 13.63
N TRP A 273 -13.39 16.30 14.96
CA TRP A 273 -13.46 17.61 15.62
C TRP A 273 -12.27 18.48 15.22
N MET A 274 -11.09 17.88 15.02
CA MET A 274 -9.90 18.67 14.70
C MET A 274 -10.04 19.27 13.31
N GLY A 275 -10.61 18.50 12.40
CA GLY A 275 -10.89 19.00 11.06
C GLY A 275 -11.74 20.25 11.11
N PHE A 276 -12.73 20.29 12.00
CA PHE A 276 -13.67 21.42 12.05
C PHE A 276 -12.98 22.61 12.71
N PHE A 277 -12.18 22.34 13.74
CA PHE A 277 -11.41 23.41 14.41
C PHE A 277 -10.46 24.02 13.40
N LEU A 278 -9.90 23.19 12.52
CA LEU A 278 -8.94 23.66 11.49
C LEU A 278 -9.68 24.22 10.29
N ALA A 279 -10.88 23.71 10.01
CA ALA A 279 -11.68 24.28 8.94
C ALA A 279 -12.18 25.67 9.32
N ARG A 280 -12.53 25.86 10.59
CA ARG A 280 -12.95 27.16 11.09
C ARG A 280 -11.79 28.15 11.10
N ASP A 281 -10.61 27.69 11.52
CA ASP A 281 -9.43 28.56 11.64
C ASP A 281 -8.52 28.31 10.44
N LYS A 282 -8.77 29.06 9.36
CA LYS A 282 -8.13 28.76 8.08
C LYS A 282 -6.63 29.02 8.13
N THR A 283 -6.21 30.05 8.87
CA THR A 283 -4.78 30.39 8.91
C THR A 283 -4.02 29.35 9.71
N LEU A 284 -4.70 28.81 10.73
CA LEU A 284 -4.12 27.79 11.60
C LEU A 284 -4.00 26.49 10.80
N GLN A 285 -4.86 26.31 9.80
CA GLN A 285 -4.84 25.11 8.95
C GLN A 285 -3.63 25.17 8.01
N LYS A 286 -3.46 26.31 7.35
CA LYS A 286 -2.36 26.44 6.37
C LYS A 286 -1.02 26.31 7.09
N LYS A 287 -0.94 26.85 8.31
CA LYS A 287 0.31 26.81 9.07
C LYS A 287 0.67 25.34 9.35
N CYS A 288 -0.35 24.50 9.53
CA CYS A 288 -0.10 23.07 9.71
C CYS A 288 0.39 22.43 8.42
N TYR A 289 -0.20 22.84 7.29
CA TYR A 289 0.28 22.37 6.00
C TYR A 289 1.70 22.89 5.72
N LEU A 290 1.97 24.15 6.04
CA LEU A 290 3.31 24.71 5.92
C LEU A 290 4.33 23.90 6.73
N GLU A 291 3.90 23.40 7.88
CA GLU A 291 4.78 22.59 8.72
C GLU A 291 5.12 21.27 8.04
N GLN A 292 4.18 20.70 7.27
CA GLN A 292 4.47 19.48 6.52
C GLN A 292 5.69 19.71 5.63
N LYS A 293 5.74 20.86 4.96
CA LYS A 293 6.81 21.14 4.02
C LYS A 293 8.12 21.44 4.75
N THR A 294 8.05 22.28 5.81
CA THR A 294 9.24 22.66 6.53
C THR A 294 9.91 21.46 7.18
N VAL A 295 9.11 20.59 7.82
CA VAL A 295 9.65 19.48 8.59
C VAL A 295 10.05 18.34 7.67
N CYS A 296 9.18 17.98 6.72
CA CYS A 296 9.37 16.77 5.93
C CYS A 296 10.11 17.01 4.62
N GLY A 297 10.14 18.25 4.13
CA GLY A 297 10.75 18.55 2.85
C GLY A 297 9.72 18.99 1.82
N GLU A 298 10.20 19.70 0.79
CA GLU A 298 9.31 20.25 -0.22
C GLU A 298 8.67 19.16 -1.08
N ASN A 299 9.39 18.04 -1.25
CA ASN A 299 8.89 16.94 -2.07
C ASN A 299 7.78 16.17 -1.37
N LEU A 300 7.55 16.44 -0.08
CA LEU A 300 6.54 15.74 0.71
C LEU A 300 6.74 14.24 0.59
N PRO A 301 7.84 13.70 1.14
CA PRO A 301 8.12 12.28 1.03
C PRO A 301 7.20 11.46 1.93
N PRO A 302 7.25 10.12 1.85
CA PRO A 302 6.49 9.29 2.78
C PRO A 302 6.84 9.58 4.24
N LEU A 303 5.79 9.73 5.05
CA LEU A 303 5.96 10.08 6.45
C LEU A 303 6.75 9.01 7.19
N THR A 304 7.48 9.46 8.22
CA THR A 304 8.22 8.57 9.12
C THR A 304 7.84 8.93 10.57
N TYR A 305 8.07 7.99 11.49
CA TYR A 305 7.80 8.21 12.91
C TYR A 305 8.58 9.42 13.43
N ASP A 306 9.86 9.51 13.03
CA ASP A 306 10.73 10.60 13.49
C ASP A 306 10.13 11.94 13.04
N GLN A 307 9.64 12.02 11.81
CA GLN A 307 9.09 13.27 11.32
C GLN A 307 7.89 13.70 12.17
N LEU A 308 7.03 12.74 12.54
CA LEU A 308 5.81 13.07 13.27
C LEU A 308 6.12 13.85 14.54
N LYS A 309 7.23 13.49 15.21
CA LYS A 309 7.55 14.08 16.50
C LYS A 309 8.04 15.51 16.35
N ASP A 310 8.31 15.96 15.12
CA ASP A 310 8.74 17.33 14.84
C ASP A 310 7.60 18.17 14.31
N LEU A 311 6.39 17.60 14.22
CA LEU A 311 5.21 18.36 13.83
C LEU A 311 4.57 18.94 15.09
N ASN A 312 5.21 19.99 15.62
CA ASN A 312 4.87 20.50 16.94
C ASN A 312 3.53 21.23 16.93
N LEU A 313 3.28 22.05 15.90
CA LEU A 313 2.00 22.73 15.81
C LEU A 313 0.86 21.73 15.69
N LEU A 314 1.03 20.71 14.84
CA LEU A 314 -0.01 19.72 14.66
C LEU A 314 -0.26 18.99 15.97
N ASP A 315 0.80 18.72 16.73
CA ASP A 315 0.67 18.10 18.04
C ASP A 315 -0.17 18.99 18.95
N ARG A 316 0.08 20.30 18.92
CA ARG A 316 -0.66 21.22 19.77
C ARG A 316 -2.10 21.37 19.30
N CYS A 317 -2.35 21.19 18.00
CA CYS A 317 -3.72 21.19 17.50
C CYS A 317 -4.46 19.95 17.98
N ILE A 318 -3.80 18.78 17.88
CA ILE A 318 -4.37 17.56 18.44
C ILE A 318 -4.58 17.72 19.94
N LYS A 319 -3.61 18.30 20.65
CA LYS A 319 -3.75 18.54 22.08
C LYS A 319 -4.93 19.47 22.38
N GLU A 320 -5.10 20.54 21.60
CA GLU A 320 -6.17 21.53 21.85
C GLU A 320 -7.53 20.93 21.48
N THR A 321 -7.56 20.04 20.48
CA THR A 321 -8.80 19.35 20.12
C THR A 321 -9.22 18.44 21.27
N LEU A 322 -8.24 17.78 21.87
CA LEU A 322 -8.53 16.82 22.93
C LEU A 322 -8.95 17.58 24.20
N ARG A 323 -8.46 18.80 24.36
CA ARG A 323 -8.85 19.63 25.51
C ARG A 323 -10.32 20.01 25.43
N LEU A 324 -10.75 20.47 24.24
CA LEU A 324 -12.13 20.95 24.10
C LEU A 324 -13.12 19.85 23.78
N ARG A 325 -12.69 18.77 23.12
CA ARG A 325 -13.59 17.70 22.70
C ARG A 325 -12.97 16.33 23.00
N PRO A 326 -12.75 16.00 24.28
CA PRO A 326 -12.26 14.67 24.63
C PRO A 326 -13.38 13.67 24.42
N PRO A 327 -13.08 12.45 23.96
CA PRO A 327 -14.14 11.48 23.68
C PRO A 327 -14.72 10.86 24.93
N ILE A 328 -13.88 10.57 25.93
CA ILE A 328 -14.32 9.96 27.17
C ILE A 328 -14.53 11.07 28.19
N MET A 329 -15.79 11.36 28.51
CA MET A 329 -16.12 12.51 29.34
C MET A 329 -15.99 12.19 30.82
N ILE A 330 -16.29 10.95 31.21
CA ILE A 330 -16.26 10.54 32.61
C ILE A 330 -15.42 9.29 32.76
N MET A 331 -14.57 9.29 33.78
CA MET A 331 -13.86 8.07 34.17
C MET A 331 -14.47 7.66 35.48
N MET A 332 -14.91 6.40 35.61
CA MET A 332 -15.73 5.99 36.75
C MET A 332 -15.09 4.83 37.52
N ARG A 333 -15.18 4.88 38.85
CA ARG A 333 -14.74 3.78 39.72
C ARG A 333 -15.79 3.58 40.81
N MET A 334 -15.83 2.38 41.39
CA MET A 334 -16.74 2.07 42.50
C MET A 334 -15.95 2.09 43.81
N ALA A 335 -16.47 2.82 44.81
CA ALA A 335 -15.82 2.88 46.13
C ALA A 335 -16.13 1.60 46.90
N ARG A 336 -15.08 0.82 47.21
CA ARG A 336 -15.21 -0.41 48.02
C ARG A 336 -14.62 -0.12 49.41
N THR A 337 -13.62 0.75 49.47
CA THR A 337 -13.04 1.23 50.74
C THR A 337 -13.36 2.72 50.89
N PRO A 338 -13.59 3.23 52.12
CA PRO A 338 -13.84 4.65 52.33
C PRO A 338 -12.61 5.46 51.90
N GLN A 339 -12.81 6.53 51.13
CA GLN A 339 -11.71 7.35 50.62
C GLN A 339 -11.80 8.73 51.23
N THR A 340 -10.69 9.44 51.35
CA THR A 340 -10.68 10.80 51.89
C THR A 340 -10.19 11.79 50.82
N VAL A 341 -10.90 12.90 50.67
CA VAL A 341 -10.51 13.93 49.69
C VAL A 341 -11.16 15.25 50.10
N ALA A 342 -10.39 16.35 49.99
CA ALA A 342 -10.88 17.71 50.30
C ALA A 342 -11.57 17.75 51.67
N GLY A 343 -11.10 16.93 52.61
CA GLY A 343 -11.68 16.91 53.95
C GLY A 343 -13.02 16.19 54.03
N TYR A 344 -13.43 15.54 52.95
CA TYR A 344 -14.67 14.75 52.94
C TYR A 344 -14.32 13.27 52.91
N THR A 345 -15.25 12.44 53.40
CA THR A 345 -15.08 10.99 53.29
C THR A 345 -16.16 10.44 52.34
N ILE A 346 -15.71 9.84 51.24
CA ILE A 346 -16.63 9.21 50.29
C ILE A 346 -16.94 7.82 50.82
N PRO A 347 -18.23 7.47 51.04
CA PRO A 347 -18.57 6.19 51.63
C PRO A 347 -18.47 5.06 50.62
N PRO A 348 -18.03 3.86 51.03
CA PRO A 348 -18.09 2.69 50.15
C PRO A 348 -19.49 2.59 49.57
N GLY A 349 -19.58 2.46 48.23
CA GLY A 349 -20.87 2.33 47.55
C GLY A 349 -21.13 3.46 46.58
N HIS A 350 -20.54 4.63 46.80
CA HIS A 350 -20.63 5.75 45.84
C HIS A 350 -19.77 5.47 44.61
N GLN A 351 -20.28 5.81 43.43
CA GLN A 351 -19.46 5.74 42.21
C GLN A 351 -18.68 7.05 42.07
N VAL A 352 -17.37 6.98 42.27
CA VAL A 352 -16.52 8.17 42.22
C VAL A 352 -16.11 8.43 40.78
N CYS A 353 -16.37 9.64 40.29
CA CYS A 353 -16.17 9.95 38.87
C CYS A 353 -15.31 11.20 38.70
N VAL A 354 -14.52 11.23 37.62
CA VAL A 354 -13.76 12.42 37.21
C VAL A 354 -14.16 12.74 35.78
N SER A 355 -14.31 14.03 35.43
CA SER A 355 -14.60 14.41 34.03
C SER A 355 -13.41 15.16 33.44
N PRO A 356 -12.59 14.52 32.60
CA PRO A 356 -11.55 15.21 31.88
C PRO A 356 -12.13 16.44 31.20
N THR A 357 -13.31 16.30 30.61
CA THR A 357 -13.94 17.35 29.82
C THR A 357 -14.14 18.62 30.64
N VAL A 358 -14.52 18.47 31.91
CA VAL A 358 -14.83 19.62 32.77
C VAL A 358 -13.54 20.23 33.32
N ASN A 359 -12.60 19.37 33.69
CA ASN A 359 -11.33 19.81 34.26
C ASN A 359 -10.52 20.56 33.19
N GLN A 360 -10.85 20.30 31.93
CA GLN A 360 -10.07 20.86 30.80
C GLN A 360 -10.71 22.16 30.29
N ARG A 361 -11.67 22.71 31.03
CA ARG A 361 -12.37 23.96 30.63
C ARG A 361 -12.69 24.70 31.91
N LEU A 362 -12.18 24.22 33.04
CA LEU A 362 -12.51 24.84 34.35
C LEU A 362 -12.03 26.29 34.33
N LYS A 363 -12.96 27.23 34.41
CA LYS A 363 -12.61 28.66 34.36
C LYS A 363 -11.55 28.99 35.41
N ASP A 364 -11.45 28.18 36.46
CA ASP A 364 -10.50 28.48 37.53
C ASP A 364 -9.07 28.30 37.06
N SER A 365 -8.86 27.55 35.97
CA SER A 365 -7.50 27.20 35.56
C SER A 365 -7.23 27.53 34.09
N TRP A 366 -8.26 27.52 33.23
CA TRP A 366 -8.02 27.71 31.80
C TRP A 366 -8.41 29.12 31.34
N VAL A 367 -7.42 29.86 30.82
CA VAL A 367 -7.64 31.18 30.20
C VAL A 367 -8.40 30.99 28.88
N GLU A 368 -9.31 31.91 28.53
CA GLU A 368 -10.11 31.74 27.31
C GLU A 368 -10.46 30.26 27.14
N ARG A 369 -11.16 29.71 28.13
CA ARG A 369 -11.40 28.26 28.25
C ARG A 369 -12.08 27.66 27.01
N LEU A 370 -12.89 28.43 26.28
CA LEU A 370 -13.69 27.86 25.18
C LEU A 370 -13.10 28.23 23.83
N ASP A 371 -11.86 28.72 23.83
CA ASP A 371 -11.21 29.15 22.59
C ASP A 371 -10.29 28.02 22.12
N PHE A 372 -10.27 27.76 20.81
CA PHE A 372 -9.31 26.81 20.25
C PHE A 372 -7.99 27.56 20.08
N ASN A 373 -7.15 27.54 21.13
CA ASN A 373 -5.87 28.28 21.12
C ASN A 373 -4.75 27.27 21.23
N PRO A 374 -4.25 26.73 20.12
CA PRO A 374 -3.17 25.73 20.16
C PRO A 374 -1.85 26.29 20.71
N ASP A 375 -1.74 27.61 20.82
CA ASP A 375 -0.50 28.23 21.32
C ASP A 375 -0.61 28.50 22.82
N ARG A 376 -1.62 27.91 23.47
CA ARG A 376 -1.81 28.10 24.91
C ARG A 376 -0.78 27.30 25.67
N TYR A 377 -0.09 26.39 24.97
CA TYR A 377 0.85 25.47 25.60
C TYR A 377 2.28 26.02 25.48
N LEU A 378 2.45 27.09 24.69
CA LEU A 378 3.74 27.77 24.56
C LEU A 378 3.89 28.79 25.68
N GLN A 379 2.85 28.97 26.50
CA GLN A 379 2.85 29.91 27.63
C GLN A 379 2.35 29.14 28.86
N ASP A 380 2.07 29.85 29.96
CA ASP A 380 1.69 29.17 31.21
C ASP A 380 0.31 28.53 31.06
N ASN A 381 0.25 27.22 31.31
CA ASN A 381 -1.00 26.46 31.10
C ASN A 381 -1.21 25.46 32.23
N PRO A 382 -2.46 25.09 32.54
CA PRO A 382 -2.75 24.02 33.51
C PRO A 382 -2.31 22.60 33.12
N ALA A 383 -2.03 22.35 31.85
CA ALA A 383 -1.61 21.02 31.39
C ALA A 383 -0.21 20.69 31.92
N SER A 384 0.65 21.70 32.00
CA SER A 384 2.00 21.54 32.56
C SER A 384 2.01 22.01 34.02
N GLY A 385 1.18 23.00 34.36
CA GLY A 385 1.21 23.63 35.68
C GLY A 385 0.32 22.95 36.71
N GLU A 386 -0.41 21.90 36.32
CA GLU A 386 -1.19 21.11 37.27
C GLU A 386 -1.01 19.64 36.90
N LYS A 387 -1.28 18.74 37.82
CA LYS A 387 -1.04 17.31 37.56
C LYS A 387 -2.22 16.71 36.79
N PHE A 388 -3.44 17.09 37.15
CA PHE A 388 -4.62 16.41 36.59
C PHE A 388 -5.65 17.41 36.08
N ALA A 389 -5.20 18.47 35.41
CA ALA A 389 -6.13 19.37 34.72
C ALA A 389 -6.30 18.92 33.28
N TYR A 390 -5.21 18.51 32.63
CA TYR A 390 -5.28 17.96 31.27
C TYR A 390 -5.16 16.45 31.36
N VAL A 391 -6.29 15.74 31.30
CA VAL A 391 -6.30 14.28 31.54
C VAL A 391 -7.19 13.59 30.52
N PRO A 392 -6.97 13.77 29.20
CA PRO A 392 -7.82 13.18 28.17
C PRO A 392 -7.69 11.65 28.05
N PHE A 393 -6.48 11.12 28.26
CA PHE A 393 -6.26 9.67 28.23
C PHE A 393 -6.10 9.15 29.66
N GLY A 394 -6.43 9.98 30.65
CA GLY A 394 -6.27 9.58 32.04
C GLY A 394 -4.91 9.97 32.59
N ALA A 395 -4.52 9.41 33.72
CA ALA A 395 -3.27 9.81 34.37
C ALA A 395 -2.92 8.83 35.48
N GLY A 396 -1.73 8.98 36.04
CA GLY A 396 -1.27 8.00 37.02
C GLY A 396 -1.35 6.60 36.42
N ARG A 397 -1.92 5.67 37.16
CA ARG A 397 -2.03 4.28 36.67
C ARG A 397 -3.16 4.20 35.65
N HIS A 398 -4.24 4.92 35.88
CA HIS A 398 -5.44 4.85 35.02
C HIS A 398 -5.21 5.70 33.77
N ARG A 399 -4.26 5.26 32.95
CA ARG A 399 -3.98 5.97 31.69
C ARG A 399 -4.30 5.00 30.55
N CYS A 400 -4.54 5.56 29.35
CA CYS A 400 -4.78 4.78 28.13
C CYS A 400 -3.48 4.12 27.67
N ILE A 401 -3.55 2.84 27.33
CA ILE A 401 -2.36 2.10 26.84
C ILE A 401 -2.19 2.34 25.34
N GLY A 402 -3.24 2.83 24.67
CA GLY A 402 -3.22 3.11 23.25
C GLY A 402 -2.93 4.57 22.91
N GLU A 403 -2.48 5.36 23.89
CA GLU A 403 -2.29 6.81 23.67
C GLU A 403 -1.26 7.07 22.60
N ASN A 404 -0.14 6.36 22.66
CA ASN A 404 0.95 6.57 21.72
C ASN A 404 0.54 6.17 20.32
N PHE A 405 -0.27 5.10 20.20
CA PHE A 405 -0.77 4.69 18.89
C PHE A 405 -1.82 5.68 18.39
N ALA A 406 -2.66 6.19 19.30
CA ALA A 406 -3.65 7.20 18.94
C ALA A 406 -2.98 8.41 18.31
N TYR A 407 -1.83 8.82 18.85
CA TYR A 407 -1.10 9.99 18.33
C TYR A 407 -0.50 9.68 16.97
N VAL A 408 0.10 8.50 16.82
CA VAL A 408 0.68 8.13 15.54
C VAL A 408 -0.42 8.05 14.49
N GLN A 409 -1.56 7.45 14.85
CA GLN A 409 -2.61 7.23 13.89
C GLN A 409 -3.23 8.56 13.47
N ILE A 410 -3.46 9.46 14.42
CA ILE A 410 -4.13 10.72 14.12
C ILE A 410 -3.17 11.66 13.38
N LYS A 411 -1.91 11.72 13.81
CA LYS A 411 -0.94 12.56 13.14
C LYS A 411 -0.72 12.11 11.69
N THR A 412 -0.66 10.79 11.48
CA THR A 412 -0.40 10.28 10.14
C THR A 412 -1.59 10.54 9.21
N ILE A 413 -2.80 10.31 9.72
CA ILE A 413 -4.00 10.53 8.92
C ILE A 413 -4.11 12.01 8.57
N TRP A 414 -3.94 12.88 9.56
CA TRP A 414 -4.21 14.29 9.33
C TRP A 414 -3.07 14.97 8.57
N SER A 415 -1.83 14.51 8.78
CA SER A 415 -0.76 14.92 7.90
C SER A 415 -1.11 14.56 6.45
N THR A 416 -1.55 13.32 6.25
CA THR A 416 -1.88 12.85 4.90
C THR A 416 -3.07 13.61 4.35
N MET A 417 -4.09 13.84 5.18
CA MET A 417 -5.28 14.54 4.72
C MET A 417 -4.96 16.00 4.38
N LEU A 418 -4.11 16.64 5.20
CA LEU A 418 -3.76 18.03 4.96
C LEU A 418 -3.02 18.16 3.62
N ARG A 419 -2.20 17.18 3.27
CA ARG A 419 -1.51 17.20 1.98
C ARG A 419 -2.52 17.02 0.84
N LEU A 420 -3.55 16.20 1.06
CA LEU A 420 -4.49 15.85 0.00
C LEU A 420 -5.48 16.98 -0.26
N TYR A 421 -5.98 17.61 0.80
CA TYR A 421 -7.13 18.50 0.65
C TYR A 421 -6.95 19.78 1.47
N GLU A 422 -7.80 20.76 1.14
CA GLU A 422 -8.03 21.94 1.94
C GLU A 422 -9.48 21.88 2.39
N PHE A 423 -9.74 22.24 3.66
CA PHE A 423 -11.03 22.01 4.29
C PHE A 423 -11.66 23.32 4.74
N ASP A 424 -13.00 23.36 4.70
CA ASP A 424 -13.76 24.54 5.05
C ASP A 424 -15.08 24.14 5.68
N LEU A 425 -15.65 25.05 6.47
CA LEU A 425 -17.01 24.91 6.93
C LEU A 425 -17.97 25.16 5.77
N ILE A 426 -19.18 24.61 5.89
CA ILE A 426 -20.24 24.85 4.92
C ILE A 426 -21.14 25.95 5.49
N ASP A 427 -21.06 27.14 4.89
CA ASP A 427 -21.77 28.33 5.36
C ASP A 427 -21.39 28.64 6.81
N GLY A 428 -20.14 28.35 7.17
CA GLY A 428 -19.64 28.67 8.50
C GLY A 428 -20.38 27.95 9.63
N TYR A 429 -20.98 26.79 9.35
CA TYR A 429 -21.60 26.00 10.40
C TYR A 429 -20.54 25.18 11.14
N PHE A 430 -20.51 25.31 12.47
CA PHE A 430 -19.65 24.48 13.30
C PHE A 430 -20.51 23.45 14.04
N PRO A 431 -20.21 22.14 13.90
CA PRO A 431 -21.07 21.11 14.48
C PRO A 431 -21.27 21.23 15.98
N THR A 432 -22.54 21.24 16.40
CA THR A 432 -22.88 21.19 17.81
C THR A 432 -22.54 19.81 18.37
N VAL A 433 -22.44 19.74 19.70
CA VAL A 433 -22.08 18.51 20.38
C VAL A 433 -23.34 17.70 20.64
N ASN A 434 -23.37 16.47 20.14
CA ASN A 434 -24.43 15.52 20.47
C ASN A 434 -24.09 14.87 21.82
N TYR A 435 -24.79 15.28 22.87
CA TYR A 435 -24.56 14.81 24.23
C TYR A 435 -25.24 13.48 24.53
N THR A 436 -26.09 12.98 23.63
CA THR A 436 -26.94 11.83 23.93
C THR A 436 -26.19 10.51 23.84
N THR A 437 -25.04 10.48 23.17
CA THR A 437 -24.22 9.28 23.06
C THR A 437 -23.09 9.33 24.07
N MET A 438 -22.54 8.16 24.39
CA MET A 438 -21.50 8.05 25.42
C MET A 438 -20.25 8.82 24.98
N ILE A 439 -19.81 8.57 23.75
CA ILE A 439 -18.76 9.40 23.18
C ILE A 439 -19.46 10.53 22.42
N HIS A 440 -19.28 11.75 22.91
CA HIS A 440 -19.95 12.90 22.32
C HIS A 440 -19.51 13.00 20.85
N THR A 441 -20.50 13.06 19.96
CA THR A 441 -20.31 13.10 18.53
C THR A 441 -20.66 14.48 17.97
N PRO A 442 -20.07 14.88 16.83
CA PRO A 442 -20.50 16.10 16.15
C PRO A 442 -21.76 15.91 15.32
N GLU A 443 -22.68 16.86 15.47
CA GLU A 443 -23.92 16.88 14.70
C GLU A 443 -23.67 17.41 13.29
N ASN A 444 -24.24 16.73 12.29
CA ASN A 444 -24.12 17.13 10.89
C ASN A 444 -22.65 17.41 10.54
N PRO A 445 -21.78 16.38 10.61
CA PRO A 445 -20.35 16.58 10.39
C PRO A 445 -19.95 16.51 8.92
N VAL A 446 -20.69 17.22 8.07
CA VAL A 446 -20.36 17.34 6.66
C VAL A 446 -19.41 18.52 6.51
N ILE A 447 -18.30 18.30 5.80
CA ILE A 447 -17.26 19.29 5.63
C ILE A 447 -17.08 19.52 4.13
N ARG A 448 -16.65 20.73 3.77
CA ARG A 448 -16.31 21.03 2.40
C ARG A 448 -14.81 20.82 2.21
N TYR A 449 -14.43 20.21 1.10
CA TYR A 449 -13.04 19.93 0.81
C TYR A 449 -12.76 20.21 -0.66
N LYS A 450 -11.50 20.54 -0.94
CA LYS A 450 -11.03 20.76 -2.31
C LYS A 450 -9.57 20.32 -2.30
N ARG A 451 -8.98 20.07 -3.46
CA ARG A 451 -7.61 19.52 -3.48
C ARG A 451 -6.57 20.59 -3.16
N ARG A 452 -5.72 20.35 -2.18
CA ARG A 452 -4.59 21.25 -1.92
C ARG A 452 -3.58 20.83 -2.96
N SER A 453 -3.23 21.72 -3.89
CA SER A 453 -2.32 21.35 -5.00
C SER A 453 -3.01 20.34 -5.91
N GLY B 9 35.82 -16.12 -47.96
CA GLY B 9 35.26 -15.38 -49.10
C GLY B 9 34.10 -16.14 -49.72
N LYS B 10 33.16 -16.60 -48.88
CA LYS B 10 31.94 -17.24 -49.40
C LYS B 10 30.72 -16.63 -48.72
N LEU B 11 29.91 -15.91 -49.48
CA LEU B 11 28.69 -15.28 -48.94
C LEU B 11 27.71 -16.37 -48.55
N PRO B 12 26.90 -16.19 -47.49
CA PRO B 12 25.88 -17.17 -47.11
C PRO B 12 24.86 -17.37 -48.22
N PRO B 13 24.13 -18.50 -48.22
CA PRO B 13 23.09 -18.71 -49.22
C PRO B 13 22.03 -17.62 -49.17
N TYR B 14 21.61 -17.17 -50.34
CA TYR B 14 20.67 -16.06 -50.51
C TYR B 14 19.33 -16.61 -50.98
N ILE B 15 18.23 -16.05 -50.45
CA ILE B 15 16.89 -16.42 -50.88
C ILE B 15 16.39 -15.38 -51.88
N PHE B 16 16.21 -15.82 -53.11
CA PHE B 16 15.81 -14.88 -54.18
C PHE B 16 14.35 -14.44 -54.00
N SER B 17 14.10 -13.18 -54.31
CA SER B 17 12.77 -12.62 -54.26
C SER B 17 12.55 -11.87 -55.57
N PRO B 18 11.42 -12.10 -56.27
CA PRO B 18 11.11 -11.31 -57.46
C PRO B 18 10.60 -9.90 -57.18
N ILE B 19 10.50 -9.52 -55.91
CA ILE B 19 10.01 -8.20 -55.50
C ILE B 19 11.21 -7.30 -55.20
N PRO B 20 11.46 -6.25 -56.01
CA PRO B 20 12.73 -5.54 -55.98
C PRO B 20 13.05 -4.86 -54.65
N PHE B 21 12.19 -3.95 -54.20
CA PHE B 21 12.50 -3.20 -52.99
C PHE B 21 11.98 -3.93 -51.75
N LEU B 22 10.69 -4.31 -51.76
CA LEU B 22 10.12 -4.96 -50.61
C LEU B 22 10.81 -6.29 -50.33
N GLY B 23 11.09 -7.06 -51.38
CA GLY B 23 11.68 -8.38 -51.18
C GLY B 23 10.69 -9.31 -50.50
N HIS B 24 11.14 -9.94 -49.40
CA HIS B 24 10.32 -10.87 -48.63
C HIS B 24 9.57 -10.17 -47.49
N ALA B 25 9.34 -8.86 -47.59
CA ALA B 25 8.81 -8.09 -46.48
C ALA B 25 7.42 -8.57 -46.08
N ILE B 26 6.57 -8.92 -47.05
CA ILE B 26 5.19 -9.24 -46.75
C ILE B 26 5.07 -10.67 -46.25
N ALA B 27 5.70 -11.63 -46.94
CA ALA B 27 5.70 -13.01 -46.50
C ALA B 27 6.30 -13.12 -45.10
N PHE B 28 7.29 -12.27 -44.79
CA PHE B 28 7.90 -12.29 -43.46
C PHE B 28 6.90 -11.80 -42.42
N GLY B 29 6.31 -10.63 -42.67
CA GLY B 29 5.39 -10.01 -41.71
C GLY B 29 4.16 -10.86 -41.37
N LYS B 30 3.64 -11.59 -42.35
CA LYS B 30 2.39 -12.38 -42.14
C LYS B 30 2.64 -13.47 -41.10
N SER B 31 3.74 -14.22 -41.19
CA SER B 31 4.10 -15.24 -40.19
C SER B 31 5.61 -15.33 -40.11
N PRO B 32 6.29 -14.45 -39.34
CA PRO B 32 7.75 -14.42 -39.39
C PRO B 32 8.39 -15.69 -38.89
N ILE B 33 7.76 -16.37 -37.93
CA ILE B 33 8.38 -17.54 -37.33
C ILE B 33 8.31 -18.70 -38.30
N GLU B 34 7.15 -18.89 -38.94
CA GLU B 34 7.02 -19.94 -39.94
C GLU B 34 7.94 -19.65 -41.12
N PHE B 35 8.13 -18.36 -41.44
CA PHE B 35 9.01 -17.97 -42.54
C PHE B 35 10.44 -18.40 -42.24
N LEU B 36 10.92 -18.12 -41.02
CA LEU B 36 12.30 -18.41 -40.67
C LEU B 36 12.52 -19.92 -40.49
N GLU B 37 11.50 -20.63 -39.99
CA GLU B 37 11.62 -22.06 -39.79
C GLU B 37 11.70 -22.81 -41.12
N ASN B 38 10.91 -22.36 -42.11
CA ASN B 38 10.97 -22.98 -43.41
C ASN B 38 12.28 -22.67 -44.10
N ALA B 39 12.79 -21.45 -43.92
CA ALA B 39 14.10 -21.11 -44.45
C ALA B 39 15.19 -21.95 -43.80
N TYR B 40 15.07 -22.22 -42.50
CA TYR B 40 16.01 -23.10 -41.81
C TYR B 40 16.01 -24.49 -42.45
N GLU B 41 14.85 -24.99 -42.85
CA GLU B 41 14.76 -26.32 -43.46
C GLU B 41 15.40 -26.33 -44.84
N LYS B 42 15.15 -25.30 -45.66
CA LYS B 42 15.66 -25.27 -47.03
C LYS B 42 17.14 -24.91 -47.06
N TYR B 43 17.53 -23.85 -46.34
CA TYR B 43 18.91 -23.29 -46.47
C TYR B 43 19.82 -23.46 -45.25
N GLY B 44 19.32 -23.96 -44.12
CA GLY B 44 20.17 -24.26 -43.00
C GLY B 44 20.24 -23.13 -41.97
N PRO B 45 21.31 -23.13 -41.14
CA PRO B 45 21.39 -22.18 -40.02
C PRO B 45 21.75 -20.75 -40.41
N VAL B 46 22.30 -20.56 -41.60
CA VAL B 46 22.77 -19.23 -42.01
C VAL B 46 22.33 -18.99 -43.44
N PHE B 47 21.58 -17.90 -43.65
CA PHE B 47 21.08 -17.54 -44.96
C PHE B 47 20.84 -16.04 -44.99
N SER B 48 20.64 -15.51 -46.20
CA SER B 48 20.45 -14.09 -46.41
C SER B 48 19.23 -13.85 -47.29
N PHE B 49 18.58 -12.71 -47.07
CA PHE B 49 17.49 -12.25 -47.93
C PHE B 49 17.30 -10.76 -47.70
N THR B 50 16.58 -10.10 -48.62
CA THR B 50 16.36 -8.66 -48.50
C THR B 50 14.90 -8.40 -48.15
N MET B 51 14.72 -7.38 -47.30
CA MET B 51 13.41 -6.80 -47.01
C MET B 51 13.59 -5.29 -47.00
N VAL B 52 12.70 -4.59 -47.72
CA VAL B 52 12.67 -3.12 -47.74
C VAL B 52 14.07 -2.58 -48.05
N GLY B 53 14.67 -3.07 -49.14
CA GLY B 53 15.97 -2.58 -49.60
C GLY B 53 17.11 -2.79 -48.60
N LYS B 54 16.87 -3.62 -47.58
CA LYS B 54 17.89 -3.98 -46.62
C LYS B 54 18.21 -5.47 -46.77
N THR B 55 19.49 -5.83 -46.64
CA THR B 55 19.92 -7.22 -46.71
C THR B 55 20.13 -7.75 -45.29
N PHE B 56 19.40 -8.82 -44.94
CA PHE B 56 19.47 -9.43 -43.63
C PHE B 56 20.16 -10.79 -43.74
N THR B 57 21.02 -11.09 -42.76
CA THR B 57 21.57 -12.43 -42.58
C THR B 57 21.16 -12.93 -41.21
N TYR B 58 20.47 -14.07 -41.18
CA TYR B 58 19.95 -14.64 -39.95
C TYR B 58 20.83 -15.78 -39.47
N LEU B 59 21.05 -15.83 -38.16
CA LEU B 59 21.82 -16.88 -37.51
C LEU B 59 20.87 -17.69 -36.65
N LEU B 60 20.53 -18.88 -37.13
CA LEU B 60 19.64 -19.78 -36.42
C LEU B 60 20.45 -20.88 -35.77
N GLY B 61 19.99 -21.33 -34.60
CA GLY B 61 20.70 -22.32 -33.83
C GLY B 61 21.75 -21.69 -32.93
N SER B 62 22.24 -22.49 -31.97
CA SER B 62 23.15 -21.97 -30.95
C SER B 62 24.52 -21.68 -31.54
N ASP B 63 25.05 -22.62 -32.31
CA ASP B 63 26.41 -22.45 -32.80
C ASP B 63 26.46 -21.15 -33.60
N ALA B 64 25.48 -20.96 -34.48
CA ALA B 64 25.49 -19.80 -35.37
C ALA B 64 25.30 -18.50 -34.59
N ALA B 65 24.36 -18.49 -33.66
CA ALA B 65 24.01 -17.27 -32.94
C ALA B 65 25.21 -16.72 -32.18
N ALA B 66 26.10 -17.61 -31.72
CA ALA B 66 27.32 -17.21 -31.01
C ALA B 66 27.99 -15.97 -31.62
N LEU B 67 27.99 -15.84 -32.95
CA LEU B 67 28.70 -14.74 -33.61
C LEU B 67 28.23 -13.41 -33.06
N LEU B 68 26.91 -13.20 -33.02
CA LEU B 68 26.34 -11.94 -32.55
C LEU B 68 26.50 -11.84 -31.03
N PHE B 69 26.22 -12.95 -30.32
CA PHE B 69 26.19 -12.93 -28.86
C PHE B 69 27.58 -12.69 -28.28
N ASN B 70 28.63 -12.95 -29.08
CA ASN B 70 30.01 -12.80 -28.59
C ASN B 70 30.70 -11.64 -29.29
N SER B 71 29.96 -10.86 -30.08
CA SER B 71 30.53 -9.79 -30.87
C SER B 71 30.85 -8.56 -30.03
N LYS B 72 31.68 -7.68 -30.58
CA LYS B 72 31.89 -6.35 -30.05
C LYS B 72 31.11 -5.37 -30.90
N ASN B 73 30.75 -4.23 -30.30
CA ASN B 73 29.91 -3.25 -30.97
C ASN B 73 30.63 -2.60 -32.16
N GLU B 74 31.97 -2.64 -32.16
CA GLU B 74 32.73 -2.10 -33.29
C GLU B 74 32.51 -2.95 -34.53
N ASP B 75 32.39 -4.28 -34.34
CA ASP B 75 32.24 -5.23 -35.43
C ASP B 75 30.76 -5.38 -35.82
N LEU B 76 29.89 -5.56 -34.84
CA LEU B 76 28.45 -5.67 -35.06
C LEU B 76 27.76 -4.58 -34.24
N ASN B 77 27.22 -3.59 -34.94
CA ASN B 77 26.87 -2.33 -34.31
C ASN B 77 25.37 -2.27 -34.03
N ALA B 78 25.02 -1.76 -32.85
CA ALA B 78 23.62 -1.66 -32.44
C ALA B 78 23.02 -0.31 -32.79
N GLU B 79 23.79 0.78 -32.63
CA GLU B 79 23.26 2.15 -32.84
C GLU B 79 22.79 2.31 -34.29
N ASP B 80 23.51 1.70 -35.22
CA ASP B 80 23.17 1.82 -36.63
C ASP B 80 21.73 1.40 -36.86
N VAL B 81 21.29 0.30 -36.24
CA VAL B 81 19.97 -0.24 -36.54
C VAL B 81 18.90 0.31 -35.60
N TYR B 82 19.26 0.72 -34.38
CA TYR B 82 18.27 1.02 -33.37
C TYR B 82 18.09 2.51 -33.09
N SER B 83 19.00 3.38 -33.53
CA SER B 83 18.94 4.78 -33.14
C SER B 83 17.75 5.49 -33.77
N ARG B 84 17.36 5.09 -34.98
CA ARG B 84 16.22 5.70 -35.66
C ARG B 84 14.94 5.53 -34.83
N LEU B 85 14.73 4.31 -34.33
CA LEU B 85 13.52 3.97 -33.58
C LEU B 85 13.49 4.63 -32.21
N THR B 86 14.60 4.54 -31.48
CA THR B 86 14.59 4.84 -30.04
C THR B 86 14.76 6.33 -29.70
N THR B 87 15.63 7.05 -30.42
CA THR B 87 15.93 8.42 -30.00
C THR B 87 14.67 9.29 -29.95
N PRO B 88 13.74 9.26 -30.92
CA PRO B 88 12.52 10.08 -30.81
C PRO B 88 11.66 9.77 -29.59
N VAL B 89 11.83 8.61 -28.97
CA VAL B 89 11.06 8.21 -27.80
C VAL B 89 11.78 8.61 -26.51
N PHE B 90 13.03 8.15 -26.36
CA PHE B 90 13.78 8.36 -25.12
C PHE B 90 14.43 9.74 -25.07
N GLY B 91 14.72 10.32 -26.24
CA GLY B 91 15.32 11.64 -26.33
C GLY B 91 16.79 11.57 -26.70
N LYS B 92 17.39 12.74 -26.92
CA LYS B 92 18.80 12.81 -27.30
C LYS B 92 19.69 12.48 -26.11
N GLY B 93 20.95 12.16 -26.40
CA GLY B 93 21.97 11.99 -25.37
C GLY B 93 21.82 10.74 -24.52
N VAL B 94 20.94 9.84 -24.96
CA VAL B 94 20.70 8.64 -24.14
C VAL B 94 20.64 7.44 -25.06
N ALA B 95 21.02 6.29 -24.52
CA ALA B 95 20.82 4.97 -25.21
C ALA B 95 21.63 4.97 -26.48
N TYR B 96 20.94 4.70 -27.59
CA TYR B 96 21.62 4.52 -28.89
C TYR B 96 21.90 5.86 -29.58
N ASP B 97 21.68 6.98 -28.90
CA ASP B 97 22.05 8.27 -29.44
C ASP B 97 23.47 8.66 -29.06
N VAL B 98 24.15 7.84 -28.25
CA VAL B 98 25.50 8.12 -27.79
C VAL B 98 26.40 6.95 -28.17
N PRO B 99 27.72 7.19 -28.27
CA PRO B 99 28.67 6.08 -28.43
C PRO B 99 28.46 5.01 -27.36
N ASN B 100 28.64 3.74 -27.77
CA ASN B 100 28.44 2.59 -26.91
C ASN B 100 29.14 2.74 -25.55
N PRO B 101 30.39 3.23 -25.45
CA PRO B 101 31.00 3.43 -24.13
C PRO B 101 30.20 4.35 -23.22
N VAL B 102 29.67 5.46 -23.78
CA VAL B 102 28.83 6.37 -22.99
C VAL B 102 27.55 5.66 -22.55
N PHE B 103 26.98 4.85 -23.45
CA PHE B 103 25.81 4.06 -23.11
C PHE B 103 26.13 3.06 -22.00
N LEU B 104 27.34 2.50 -22.00
CA LEU B 104 27.72 1.52 -20.99
C LEU B 104 27.87 2.18 -19.62
N GLU B 105 28.34 3.44 -19.58
CA GLU B 105 28.37 4.20 -18.34
C GLU B 105 26.96 4.40 -17.80
N GLN B 106 26.00 4.70 -18.67
CA GLN B 106 24.61 4.87 -18.27
C GLN B 106 24.03 3.55 -17.77
N LYS B 107 24.29 2.46 -18.50
CA LYS B 107 23.82 1.13 -18.08
C LYS B 107 24.37 0.79 -16.69
N LYS B 108 25.65 1.09 -16.43
CA LYS B 108 26.22 0.87 -15.11
C LYS B 108 25.49 1.69 -14.06
N MET B 109 25.20 2.96 -14.37
CA MET B 109 24.50 3.83 -13.44
C MET B 109 23.15 3.24 -13.05
N LEU B 110 22.35 2.85 -14.05
CA LEU B 110 21.06 2.23 -13.80
C LEU B 110 21.20 0.94 -12.99
N LYS B 111 22.30 0.21 -13.22
CA LYS B 111 22.55 -1.04 -12.52
C LYS B 111 22.66 -0.86 -11.00
N SER B 112 22.98 0.35 -10.54
CA SER B 112 23.20 0.58 -9.12
C SER B 112 21.91 0.42 -8.32
N GLY B 113 20.75 0.58 -8.96
CA GLY B 113 19.46 0.36 -8.33
C GLY B 113 18.82 -0.96 -8.72
N LEU B 114 19.52 -1.79 -9.51
CA LEU B 114 19.00 -3.06 -9.95
C LEU B 114 19.76 -4.20 -9.28
N ASN B 115 19.73 -4.24 -7.95
CA ASN B 115 20.47 -5.22 -7.14
C ASN B 115 19.56 -5.78 -6.06
N ILE B 116 20.05 -6.75 -5.30
CA ILE B 116 19.26 -7.45 -4.29
C ILE B 116 18.80 -6.49 -3.19
N ALA B 117 19.71 -5.60 -2.76
CA ALA B 117 19.37 -4.64 -1.71
C ALA B 117 18.09 -3.88 -2.05
N HIS B 118 17.94 -3.48 -3.32
CA HIS B 118 16.75 -2.75 -3.75
C HIS B 118 15.59 -3.70 -4.03
N PHE B 119 15.88 -4.89 -4.56
CA PHE B 119 14.81 -5.84 -4.90
C PHE B 119 14.02 -6.27 -3.67
N LYS B 120 14.67 -6.27 -2.51
CA LYS B 120 13.94 -6.58 -1.28
C LYS B 120 12.87 -5.53 -1.04
N GLN B 121 13.14 -4.27 -1.40
CA GLN B 121 12.14 -3.22 -1.25
C GLN B 121 11.08 -3.34 -2.33
N HIS B 122 11.49 -3.73 -3.55
CA HIS B 122 10.57 -3.77 -4.67
C HIS B 122 9.46 -4.78 -4.46
N VAL B 123 9.75 -5.89 -3.77
CA VAL B 123 8.78 -6.98 -3.68
C VAL B 123 7.51 -6.49 -3.00
N SER B 124 7.66 -5.76 -1.90
CA SER B 124 6.50 -5.28 -1.15
C SER B 124 5.82 -4.12 -1.85
N ILE B 125 6.58 -3.29 -2.56
CA ILE B 125 6.01 -2.25 -3.42
C ILE B 125 5.09 -2.88 -4.47
N ILE B 126 5.56 -3.95 -5.12
CA ILE B 126 4.84 -4.56 -6.25
C ILE B 126 3.60 -5.31 -5.75
N GLU B 127 3.74 -5.98 -4.60
CA GLU B 127 2.62 -6.72 -4.03
C GLU B 127 1.47 -5.78 -3.69
N LYS B 128 1.79 -4.63 -3.09
CA LYS B 128 0.79 -3.68 -2.61
C LYS B 128 0.08 -3.03 -3.80
N GLU B 129 0.83 -2.74 -4.89
CA GLU B 129 0.24 -2.20 -6.11
C GLU B 129 -0.71 -3.21 -6.75
N THR B 130 -0.31 -4.48 -6.80
CA THR B 130 -1.10 -5.49 -7.48
C THR B 130 -2.44 -5.65 -6.77
N LYS B 131 -2.40 -5.75 -5.43
CA LYS B 131 -3.61 -5.94 -4.65
C LYS B 131 -4.57 -4.77 -4.87
N GLU B 132 -4.05 -3.54 -4.71
CA GLU B 132 -4.89 -2.36 -4.80
C GLU B 132 -5.50 -2.25 -6.19
N TYR B 133 -4.72 -2.54 -7.23
CA TYR B 133 -5.22 -2.44 -8.59
C TYR B 133 -6.37 -3.43 -8.83
N PHE B 134 -6.19 -4.68 -8.40
CA PHE B 134 -7.17 -5.71 -8.72
C PHE B 134 -8.39 -5.66 -7.80
N GLU B 135 -8.41 -4.76 -6.82
CA GLU B 135 -9.64 -4.48 -6.10
C GLU B 135 -10.77 -4.16 -7.08
N SER B 136 -10.46 -3.38 -8.12
CA SER B 136 -11.46 -2.91 -9.08
C SER B 136 -11.96 -4.01 -10.00
N TRP B 137 -11.47 -5.24 -9.84
CA TRP B 137 -11.90 -6.37 -10.65
C TRP B 137 -13.06 -7.15 -10.02
N GLY B 138 -13.38 -6.87 -8.74
CA GLY B 138 -14.47 -7.57 -8.08
C GLY B 138 -14.14 -9.03 -7.80
N GLU B 139 -15.19 -9.85 -7.67
CA GLU B 139 -15.04 -11.27 -7.32
C GLU B 139 -14.87 -12.15 -8.55
N SER B 140 -15.40 -11.73 -9.70
CA SER B 140 -15.33 -12.54 -10.91
C SER B 140 -15.68 -11.67 -12.11
N GLY B 141 -15.37 -12.18 -13.30
CA GLY B 141 -15.75 -11.50 -14.52
C GLY B 141 -14.95 -11.98 -15.72
N GLU B 142 -14.96 -11.16 -16.77
CA GLU B 142 -14.17 -11.38 -17.97
C GLU B 142 -13.56 -10.03 -18.34
N LYS B 143 -12.25 -9.86 -18.12
CA LYS B 143 -11.60 -8.58 -18.39
C LYS B 143 -10.31 -8.76 -19.18
N ASN B 144 -9.90 -7.68 -19.85
CA ASN B 144 -8.68 -7.64 -20.66
C ASN B 144 -7.48 -7.61 -19.74
N VAL B 145 -6.73 -8.70 -19.67
CA VAL B 145 -5.63 -8.81 -18.71
C VAL B 145 -4.41 -8.07 -19.25
N PHE B 146 -4.34 -7.91 -20.57
CA PHE B 146 -3.21 -7.23 -21.20
C PHE B 146 -3.28 -5.73 -20.91
N GLU B 147 -4.46 -5.12 -21.05
CA GLU B 147 -4.61 -3.72 -20.70
C GLU B 147 -4.36 -3.53 -19.20
N ALA B 148 -4.78 -4.48 -18.39
CA ALA B 148 -4.62 -4.37 -16.93
C ALA B 148 -3.14 -4.44 -16.57
N LEU B 149 -2.45 -5.42 -17.12
CA LEU B 149 -1.05 -5.66 -16.78
C LEU B 149 -0.19 -4.48 -17.26
N SER B 150 -0.49 -3.94 -18.43
CA SER B 150 0.21 -2.73 -18.91
C SER B 150 0.08 -1.61 -17.87
N GLU B 151 -1.15 -1.29 -17.47
CA GLU B 151 -1.40 -0.24 -16.48
C GLU B 151 -0.72 -0.56 -15.16
N LEU B 152 -0.72 -1.83 -14.74
CA LEU B 152 -0.10 -2.20 -13.48
C LEU B 152 1.42 -2.12 -13.57
N ILE B 153 1.99 -2.61 -14.66
CA ILE B 153 3.44 -2.60 -14.83
C ILE B 153 3.95 -1.17 -14.89
N ILE B 154 3.18 -0.26 -15.47
CA ILE B 154 3.57 1.15 -15.50
C ILE B 154 3.67 1.67 -14.07
N LEU B 155 2.64 1.37 -13.26
CA LEU B 155 2.64 1.86 -11.88
C LEU B 155 3.75 1.22 -11.05
N THR B 156 3.97 -0.08 -11.23
CA THR B 156 4.91 -0.78 -10.37
C THR B 156 6.34 -0.39 -10.71
N ALA B 157 6.64 -0.27 -12.01
CA ALA B 157 8.01 0.07 -12.43
C ALA B 157 8.34 1.52 -12.12
N SER B 158 7.36 2.41 -12.32
CA SER B 158 7.56 3.80 -11.93
C SER B 158 7.85 3.91 -10.44
N HIS B 159 7.20 3.07 -9.63
CA HIS B 159 7.38 3.13 -8.18
C HIS B 159 8.79 2.67 -7.80
N CYS B 160 9.20 1.51 -8.33
CA CYS B 160 10.48 0.92 -7.98
C CYS B 160 11.64 1.67 -8.62
N LEU B 161 11.50 2.07 -9.88
CA LEU B 161 12.63 2.58 -10.64
C LEU B 161 12.70 4.11 -10.60
N HIS B 162 11.55 4.78 -10.61
CA HIS B 162 11.51 6.23 -10.72
C HIS B 162 11.34 6.93 -9.37
N GLY B 163 10.52 6.34 -8.48
CA GLY B 163 10.25 6.96 -7.17
C GLY B 163 8.80 7.39 -6.96
N LYS B 164 8.53 7.98 -5.79
CA LYS B 164 7.18 8.35 -5.37
C LYS B 164 6.79 9.72 -5.93
N GLU B 165 7.79 10.54 -6.27
CA GLU B 165 7.52 11.84 -6.89
C GLU B 165 6.82 11.60 -8.23
N ILE B 166 7.32 10.66 -9.03
CA ILE B 166 6.73 10.39 -10.37
C ILE B 166 5.48 9.55 -10.17
N ARG B 167 5.50 8.62 -9.21
CA ARG B 167 4.36 7.72 -8.99
C ARG B 167 3.16 8.53 -8.50
N SER B 168 3.40 9.65 -7.82
CA SER B 168 2.31 10.50 -7.29
C SER B 168 1.67 11.30 -8.43
N GLN B 169 2.32 11.35 -9.60
CA GLN B 169 1.82 12.13 -10.73
C GLN B 169 1.14 11.24 -11.78
N LEU B 170 0.98 9.93 -11.49
CA LEU B 170 0.45 8.97 -12.46
C LEU B 170 -1.07 8.87 -12.31
N ASN B 171 -1.79 9.14 -13.41
CA ASN B 171 -3.25 9.08 -13.46
C ASN B 171 -3.63 8.36 -14.75
N GLU B 172 -4.92 8.24 -15.02
CA GLU B 172 -5.38 7.64 -16.28
C GLU B 172 -4.70 8.39 -17.44
N LYS B 173 -4.65 9.72 -17.36
CA LYS B 173 -4.07 10.51 -18.45
C LYS B 173 -2.65 10.08 -18.75
N VAL B 174 -1.79 10.07 -17.73
CA VAL B 174 -0.36 9.82 -17.94
C VAL B 174 -0.10 8.39 -18.40
N ALA B 175 -0.95 7.44 -18.00
CA ALA B 175 -0.84 6.07 -18.51
C ALA B 175 -1.01 6.06 -20.03
N GLN B 176 -1.92 6.89 -20.53
CA GLN B 176 -2.14 7.02 -21.97
C GLN B 176 -0.90 7.61 -22.64
N LEU B 177 -0.29 8.64 -22.03
CA LEU B 177 0.92 9.24 -22.59
C LEU B 177 2.02 8.21 -22.79
N TYR B 178 2.13 7.24 -21.88
CA TYR B 178 3.11 6.17 -22.05
C TYR B 178 2.71 5.25 -23.19
N ALA B 179 1.41 5.05 -23.40
CA ALA B 179 0.94 4.26 -24.54
C ALA B 179 1.19 5.00 -25.86
N ASP B 180 1.05 6.34 -25.85
CA ASP B 180 1.35 7.15 -27.01
C ASP B 180 2.83 7.07 -27.39
N LEU B 181 3.69 6.98 -26.38
CA LEU B 181 5.13 6.89 -26.59
C LEU B 181 5.51 5.47 -27.05
N ALA B 182 4.70 4.45 -26.69
CA ALA B 182 4.95 3.11 -27.22
C ALA B 182 4.56 3.03 -28.70
N GLY B 183 3.73 3.96 -29.19
CA GLY B 183 3.41 4.02 -30.61
C GLY B 183 4.59 4.37 -31.50
N GLY B 184 5.65 4.94 -30.91
CA GLY B 184 6.88 5.19 -31.64
C GLY B 184 7.66 3.93 -31.99
N PHE B 185 7.24 2.78 -31.46
CA PHE B 185 7.85 1.50 -31.79
C PHE B 185 6.93 0.75 -32.76
N SER B 186 6.91 1.26 -34.00
CA SER B 186 6.17 0.67 -35.10
C SER B 186 7.16 0.38 -36.23
N HIS B 187 6.81 -0.55 -37.12
CA HIS B 187 7.63 -0.82 -38.32
C HIS B 187 7.63 0.46 -39.17
N ALA B 188 6.61 1.31 -39.00
CA ALA B 188 6.48 2.57 -39.73
C ALA B 188 7.48 3.60 -39.21
N ALA B 189 7.81 3.56 -37.91
CA ALA B 189 8.84 4.43 -37.34
C ALA B 189 10.24 3.99 -37.79
N TRP B 190 10.39 2.70 -38.12
CA TRP B 190 11.68 2.11 -38.47
C TRP B 190 11.99 2.30 -39.96
N LEU B 191 10.97 2.47 -40.80
CA LEU B 191 11.14 2.53 -42.25
C LEU B 191 10.81 3.91 -42.83
N LEU B 192 10.25 4.83 -42.03
CA LEU B 192 9.85 6.17 -42.51
C LEU B 192 10.57 7.24 -41.70
N PRO B 193 10.94 8.40 -42.29
CA PRO B 193 11.53 9.50 -41.51
C PRO B 193 10.59 10.00 -40.42
N GLY B 194 11.16 10.36 -39.27
CA GLY B 194 10.40 10.67 -38.07
C GLY B 194 9.65 11.99 -38.11
N TRP B 195 10.12 12.93 -38.96
CA TRP B 195 9.52 14.26 -39.07
C TRP B 195 8.21 14.24 -39.86
N LEU B 196 7.80 13.09 -40.40
CA LEU B 196 6.63 13.02 -41.25
C LEU B 196 5.37 13.39 -40.47
N PRO B 197 4.34 13.94 -41.15
CA PRO B 197 3.05 14.23 -40.53
C PRO B 197 2.18 12.97 -40.48
N LEU B 198 2.61 11.97 -39.71
CA LEU B 198 1.82 10.74 -39.51
C LEU B 198 1.27 10.73 -38.09
N PRO B 199 0.12 10.05 -37.86
CA PRO B 199 -0.53 10.06 -36.54
C PRO B 199 0.36 9.56 -35.41
N SER B 200 0.83 8.34 -35.55
CA SER B 200 1.66 7.72 -34.52
C SER B 200 2.84 8.61 -34.15
N PHE B 201 3.30 9.44 -35.09
CA PHE B 201 4.49 10.25 -34.85
C PHE B 201 4.11 11.45 -33.99
N ARG B 202 2.98 12.06 -34.31
CA ARG B 202 2.54 13.26 -33.55
C ARG B 202 2.30 12.84 -32.10
N ARG B 203 1.66 11.70 -31.89
CA ARG B 203 1.35 11.24 -30.52
C ARG B 203 2.67 10.94 -29.81
N ARG B 204 3.65 10.38 -30.52
CA ARG B 204 4.92 10.02 -29.87
C ARG B 204 5.59 11.32 -29.44
N ASP B 205 5.87 12.18 -30.39
CA ASP B 205 6.59 13.44 -30.06
C ASP B 205 5.81 14.20 -28.99
N ARG B 206 4.48 14.20 -29.05
CA ARG B 206 3.68 14.99 -28.10
C ARG B 206 3.83 14.38 -26.71
N ALA B 207 3.65 13.07 -26.61
CA ALA B 207 3.78 12.38 -25.33
C ALA B 207 5.18 12.56 -24.76
N HIS B 208 6.17 12.61 -25.63
CA HIS B 208 7.55 12.81 -25.20
C HIS B 208 7.70 14.14 -24.45
N ARG B 209 7.14 15.21 -25.01
CA ARG B 209 7.24 16.53 -24.39
C ARG B 209 6.56 16.55 -23.02
N GLU B 210 5.36 15.99 -22.94
CA GLU B 210 4.57 16.07 -21.71
C GLU B 210 5.18 15.18 -20.61
N ILE B 211 5.68 14.01 -21.00
CA ILE B 211 6.27 13.07 -20.04
C ILE B 211 7.58 13.66 -19.53
N LYS B 212 8.42 14.23 -20.39
CA LYS B 212 9.60 14.95 -19.94
C LYS B 212 9.20 16.02 -18.93
N ASP B 213 8.09 16.71 -19.19
CA ASP B 213 7.62 17.79 -18.31
C ASP B 213 7.28 17.24 -16.93
N ILE B 214 6.64 16.07 -16.89
CA ILE B 214 6.34 15.40 -15.63
C ILE B 214 7.62 15.03 -14.90
N PHE B 215 8.62 14.52 -15.62
CA PHE B 215 9.90 14.16 -15.02
C PHE B 215 10.68 15.38 -14.57
N TYR B 216 10.48 16.53 -15.22
CA TYR B 216 11.22 17.73 -14.87
C TYR B 216 10.86 18.20 -13.46
N LYS B 217 9.57 18.26 -13.14
CA LYS B 217 9.17 18.74 -11.82
C LYS B 217 9.46 17.71 -10.74
N ALA B 218 9.42 16.42 -11.08
CA ALA B 218 9.79 15.36 -10.15
C ALA B 218 11.27 15.44 -9.79
N ILE B 219 12.10 15.86 -10.74
CA ILE B 219 13.53 16.07 -10.48
C ILE B 219 13.64 17.27 -9.54
N GLN B 220 12.96 18.37 -9.87
CA GLN B 220 13.07 19.60 -9.09
C GLN B 220 12.67 19.36 -7.63
N LYS B 221 11.64 18.53 -7.41
CA LYS B 221 11.19 18.25 -6.05
C LYS B 221 12.31 17.63 -5.23
N ARG B 222 13.03 16.65 -5.81
CA ARG B 222 14.06 15.91 -5.07
C ARG B 222 15.37 16.69 -5.03
N ARG B 223 15.51 17.74 -5.86
CA ARG B 223 16.72 18.58 -5.88
C ARG B 223 16.76 19.47 -4.63
N GLN B 224 15.68 19.45 -3.85
CA GLN B 224 15.53 20.36 -2.72
C GLN B 224 15.51 19.61 -1.39
N SER B 225 14.86 18.45 -1.35
CA SER B 225 14.60 17.73 -0.11
C SER B 225 15.86 17.48 0.71
N GLN B 226 15.67 17.35 2.03
CA GLN B 226 16.79 17.09 2.95
C GLN B 226 16.96 15.59 3.08
N GLU B 227 15.84 14.88 3.20
CA GLU B 227 15.85 13.41 3.14
C GLU B 227 16.54 12.95 1.86
N LYS B 228 17.68 12.27 2.00
CA LYS B 228 18.33 11.64 0.82
C LYS B 228 17.72 10.27 0.62
N ILE B 229 17.44 9.94 -0.64
CA ILE B 229 16.79 8.67 -0.98
C ILE B 229 17.79 7.80 -1.73
N ASP B 230 17.86 6.52 -1.34
CA ASP B 230 18.74 5.57 -2.00
C ASP B 230 17.92 4.82 -3.06
N ASP B 231 17.98 5.31 -4.31
CA ASP B 231 17.34 4.62 -5.43
C ASP B 231 18.00 5.11 -6.71
N ILE B 232 17.39 4.85 -7.87
CA ILE B 232 18.04 5.11 -9.16
C ILE B 232 18.01 6.60 -9.46
N LEU B 233 16.87 7.25 -9.25
CA LEU B 233 16.77 8.67 -9.61
C LEU B 233 17.84 9.48 -8.88
N GLN B 234 18.02 9.22 -7.58
CA GLN B 234 18.99 9.99 -6.80
C GLN B 234 20.40 9.79 -7.34
N THR B 235 20.74 8.54 -7.68
CA THR B 235 22.04 8.25 -8.29
C THR B 235 22.30 9.14 -9.50
N LEU B 236 21.29 9.32 -10.35
CA LEU B 236 21.47 10.06 -11.61
C LEU B 236 21.60 11.56 -11.36
N LEU B 237 20.83 12.10 -10.40
CA LEU B 237 20.89 13.53 -10.08
C LEU B 237 22.29 13.91 -9.58
N ASP B 238 22.93 13.00 -8.85
CA ASP B 238 24.24 13.22 -8.27
C ASP B 238 25.36 12.61 -9.12
N ALA B 239 25.01 11.79 -10.11
CA ALA B 239 26.03 11.07 -10.88
C ALA B 239 26.82 12.02 -11.78
N THR B 240 28.05 11.60 -12.11
CA THR B 240 28.87 12.29 -13.10
C THR B 240 29.39 11.21 -14.04
N TYR B 241 29.66 11.55 -15.30
CA TYR B 241 30.32 10.62 -16.22
C TYR B 241 31.76 10.39 -15.74
N LYS B 242 32.42 9.37 -16.31
CA LYS B 242 33.79 9.05 -15.91
C LYS B 242 34.69 10.27 -16.12
N ASP B 243 34.42 11.05 -17.17
CA ASP B 243 35.28 12.21 -17.51
C ASP B 243 34.89 13.45 -16.69
N GLY B 244 33.90 13.33 -15.80
CA GLY B 244 33.58 14.41 -14.87
C GLY B 244 32.35 15.20 -15.28
N ARG B 245 31.75 14.83 -16.41
CA ARG B 245 30.57 15.56 -16.94
C ARG B 245 29.31 15.16 -16.15
N PRO B 246 28.62 16.11 -15.48
CA PRO B 246 27.37 15.80 -14.79
C PRO B 246 26.22 15.59 -15.79
N LEU B 247 25.21 14.83 -15.38
CA LEU B 247 24.08 14.60 -16.25
C LEU B 247 23.21 15.84 -16.30
N THR B 248 22.60 16.09 -17.46
CA THR B 248 21.58 17.12 -17.55
C THR B 248 20.30 16.58 -16.94
N ASP B 249 19.39 17.50 -16.57
CA ASP B 249 18.06 17.09 -16.15
C ASP B 249 17.35 16.37 -17.29
N ASP B 250 17.69 16.71 -18.54
CA ASP B 250 17.08 16.03 -19.68
C ASP B 250 17.61 14.60 -19.81
N GLU B 251 18.91 14.40 -19.57
CA GLU B 251 19.50 13.07 -19.75
C GLU B 251 18.97 12.10 -18.69
N VAL B 252 18.88 12.56 -17.44
CA VAL B 252 18.33 11.74 -16.34
C VAL B 252 16.97 11.19 -16.76
N ALA B 253 16.06 12.09 -17.13
CA ALA B 253 14.70 11.72 -17.50
C ALA B 253 14.71 10.69 -18.62
N GLY B 254 15.50 10.95 -19.65
CA GLY B 254 15.52 10.07 -20.81
C GLY B 254 15.98 8.68 -20.44
N MET B 255 16.97 8.60 -19.55
CA MET B 255 17.49 7.32 -19.08
C MET B 255 16.41 6.59 -18.30
N LEU B 256 15.58 7.34 -17.57
CA LEU B 256 14.57 6.71 -16.70
C LEU B 256 13.39 6.28 -17.56
N ILE B 257 12.97 7.15 -18.48
CA ILE B 257 11.89 6.83 -19.41
C ILE B 257 12.30 5.61 -20.24
N GLY B 258 13.55 5.60 -20.69
CA GLY B 258 14.04 4.50 -21.52
C GLY B 258 14.02 3.18 -20.76
N LEU B 259 14.47 3.20 -19.52
CA LEU B 259 14.48 1.97 -18.69
C LEU B 259 13.06 1.44 -18.55
N LEU B 260 12.11 2.32 -18.24
CA LEU B 260 10.72 1.86 -17.97
C LEU B 260 10.09 1.30 -19.23
N LEU B 261 10.31 1.95 -20.36
CA LEU B 261 9.63 1.53 -21.59
C LEU B 261 10.29 0.29 -22.19
N ALA B 262 11.58 0.09 -21.91
CA ALA B 262 12.29 -1.10 -22.39
C ALA B 262 11.81 -2.34 -21.63
N GLY B 263 11.22 -2.12 -20.45
CA GLY B 263 10.76 -3.22 -19.64
C GLY B 263 9.26 -3.22 -19.43
N GLN B 264 8.55 -2.48 -20.26
CA GLN B 264 7.09 -2.37 -20.00
C GLN B 264 6.36 -3.37 -20.87
N ALA B 265 6.48 -3.22 -22.18
CA ALA B 265 5.72 -4.07 -23.08
C ALA B 265 6.37 -5.45 -23.16
N THR B 266 7.64 -5.55 -22.76
CA THR B 266 8.32 -6.84 -22.67
C THR B 266 7.74 -7.66 -21.51
N SER B 267 7.57 -7.02 -20.36
CA SER B 267 7.07 -7.71 -19.17
C SER B 267 5.55 -7.90 -19.26
N SER B 268 4.84 -6.91 -19.81
CA SER B 268 3.38 -6.96 -19.86
C SER B 268 2.90 -8.10 -20.76
N THR B 269 3.55 -8.32 -21.90
CA THR B 269 3.14 -9.38 -22.83
C THR B 269 3.50 -10.75 -22.25
N THR B 270 4.66 -10.88 -21.62
CA THR B 270 5.06 -12.14 -20.99
C THR B 270 4.08 -12.46 -19.87
N SER B 271 3.74 -11.45 -19.10
CA SER B 271 2.82 -11.60 -17.97
C SER B 271 1.47 -12.08 -18.49
N ALA B 272 1.03 -11.49 -19.60
CA ALA B 272 -0.29 -11.79 -20.16
C ALA B 272 -0.29 -13.17 -20.80
N TRP B 273 0.77 -13.52 -21.53
CA TRP B 273 0.88 -14.85 -22.12
C TRP B 273 0.87 -15.94 -21.06
N MET B 274 1.57 -15.70 -19.94
CA MET B 274 1.65 -16.71 -18.90
C MET B 274 0.28 -16.91 -18.26
N GLY B 275 -0.49 -15.83 -18.14
CA GLY B 275 -1.87 -15.94 -17.69
C GLY B 275 -2.68 -16.90 -18.52
N PHE B 276 -2.51 -16.86 -19.85
CA PHE B 276 -3.33 -17.69 -20.72
C PHE B 276 -2.80 -19.12 -20.75
N PHE B 277 -1.47 -19.29 -20.66
CA PHE B 277 -0.90 -20.63 -20.54
C PHE B 277 -1.41 -21.30 -19.26
N LEU B 278 -1.48 -20.53 -18.16
CA LEU B 278 -1.98 -21.06 -16.89
C LEU B 278 -3.50 -21.19 -16.90
N ALA B 279 -4.20 -20.31 -17.62
CA ALA B 279 -5.65 -20.41 -17.72
C ALA B 279 -6.06 -21.62 -18.54
N ARG B 280 -5.30 -21.94 -19.59
CA ARG B 280 -5.57 -23.14 -20.39
C ARG B 280 -5.29 -24.42 -19.60
N ASP B 281 -4.19 -24.43 -18.85
CA ASP B 281 -3.72 -25.61 -18.12
C ASP B 281 -4.11 -25.44 -16.66
N LYS B 282 -5.34 -25.81 -16.31
CA LYS B 282 -5.91 -25.46 -15.00
C LYS B 282 -5.18 -26.20 -13.87
N THR B 283 -4.51 -27.31 -14.18
CA THR B 283 -3.87 -28.15 -13.15
C THR B 283 -2.50 -27.58 -12.80
N LEU B 284 -1.77 -27.07 -13.79
CA LEU B 284 -0.47 -26.42 -13.58
C LEU B 284 -0.69 -25.10 -12.85
N GLN B 285 -1.87 -24.51 -12.98
CA GLN B 285 -2.24 -23.27 -12.28
C GLN B 285 -2.52 -23.58 -10.82
N LYS B 286 -3.17 -24.71 -10.57
CA LYS B 286 -3.49 -25.17 -9.21
C LYS B 286 -2.19 -25.54 -8.49
N LYS B 287 -1.22 -26.08 -9.23
CA LYS B 287 0.05 -26.53 -8.66
C LYS B 287 0.88 -25.29 -8.30
N CYS B 288 0.71 -24.20 -9.04
CA CYS B 288 1.39 -22.95 -8.74
C CYS B 288 0.80 -22.29 -7.50
N TYR B 289 -0.53 -22.33 -7.34
CA TYR B 289 -1.14 -21.81 -6.13
C TYR B 289 -0.74 -22.66 -4.92
N LEU B 290 -0.67 -23.98 -5.10
CA LEU B 290 -0.17 -24.87 -4.06
C LEU B 290 1.26 -24.51 -3.64
N GLU B 291 2.08 -24.07 -4.59
CA GLU B 291 3.44 -23.68 -4.27
C GLU B 291 3.46 -22.43 -3.39
N GLN B 292 2.52 -21.51 -3.61
CA GLN B 292 2.43 -20.32 -2.75
C GLN B 292 2.32 -20.75 -1.29
N LYS B 293 1.48 -21.75 -1.03
CA LYS B 293 1.20 -22.18 0.33
C LYS B 293 2.38 -22.95 0.91
N THR B 294 2.96 -23.87 0.12
CA THR B 294 4.07 -24.67 0.62
C THR B 294 5.26 -23.80 1.01
N VAL B 295 5.60 -22.83 0.15
CA VAL B 295 6.79 -22.02 0.35
C VAL B 295 6.54 -20.94 1.40
N CYS B 296 5.39 -20.27 1.30
CA CYS B 296 5.13 -19.08 2.10
C CYS B 296 4.30 -19.35 3.36
N GLY B 297 3.55 -20.44 3.41
CA GLY B 297 2.69 -20.70 4.55
C GLY B 297 1.21 -20.60 4.19
N GLU B 298 0.38 -21.19 5.07
CA GLU B 298 -1.05 -21.24 4.84
C GLU B 298 -1.69 -19.86 4.96
N ASN B 299 -1.12 -19.00 5.82
CA ASN B 299 -1.65 -17.67 6.06
C ASN B 299 -1.39 -16.73 4.89
N LEU B 300 -0.57 -17.15 3.91
CA LEU B 300 -0.22 -16.34 2.76
C LEU B 300 0.28 -14.97 3.20
N PRO B 301 1.44 -14.90 3.87
CA PRO B 301 1.96 -13.62 4.38
C PRO B 301 2.49 -12.77 3.25
N PRO B 302 2.86 -11.50 3.53
CA PRO B 302 3.49 -10.67 2.50
C PRO B 302 4.75 -11.30 1.92
N LEU B 303 4.83 -11.29 0.59
CA LEU B 303 5.94 -11.93 -0.10
C LEU B 303 7.26 -11.26 0.29
N THR B 304 8.34 -12.03 0.24
CA THR B 304 9.70 -11.53 0.44
C THR B 304 10.54 -11.97 -0.75
N TYR B 305 11.65 -11.25 -1.01
CA TYR B 305 12.57 -11.59 -2.10
C TYR B 305 13.12 -13.01 -1.94
N ASP B 306 13.38 -13.42 -0.70
CA ASP B 306 13.93 -14.77 -0.42
C ASP B 306 12.91 -15.84 -0.81
N GLN B 307 11.63 -15.57 -0.58
CA GLN B 307 10.58 -16.54 -0.93
C GLN B 307 10.51 -16.69 -2.45
N LEU B 308 10.57 -15.58 -3.17
CA LEU B 308 10.48 -15.63 -4.63
C LEU B 308 11.45 -16.64 -5.22
N LYS B 309 12.65 -16.72 -4.66
CA LYS B 309 13.70 -17.59 -5.21
C LYS B 309 13.40 -19.06 -4.96
N ASP B 310 12.42 -19.36 -4.11
CA ASP B 310 12.02 -20.73 -3.80
C ASP B 310 10.75 -21.11 -4.55
N LEU B 311 10.22 -20.22 -5.38
CA LEU B 311 9.05 -20.52 -6.20
C LEU B 311 9.53 -21.09 -7.53
N ASN B 312 9.96 -22.36 -7.49
CA ASN B 312 10.69 -22.95 -8.61
C ASN B 312 9.74 -23.23 -9.78
N LEU B 313 8.55 -23.75 -9.50
CA LEU B 313 7.60 -24.02 -10.56
C LEU B 313 7.21 -22.71 -11.27
N LEU B 314 6.94 -21.66 -10.49
CA LEU B 314 6.55 -20.39 -11.09
C LEU B 314 7.69 -19.84 -11.93
N ASP B 315 8.93 -20.01 -11.46
CA ASP B 315 10.10 -19.60 -12.22
C ASP B 315 10.14 -20.32 -13.56
N ARG B 316 9.86 -21.64 -13.53
CA ARG B 316 9.88 -22.43 -14.76
C ARG B 316 8.71 -22.09 -15.66
N CYS B 317 7.58 -21.66 -15.07
CA CYS B 317 6.46 -21.21 -15.86
C CYS B 317 6.80 -19.90 -16.57
N ILE B 318 7.44 -18.97 -15.86
CA ILE B 318 7.93 -17.74 -16.48
C ILE B 318 8.94 -18.11 -17.56
N LYS B 319 9.85 -19.02 -17.22
CA LYS B 319 10.88 -19.43 -18.17
C LYS B 319 10.26 -20.07 -19.41
N GLU B 320 9.16 -20.82 -19.22
CA GLU B 320 8.55 -21.55 -20.35
C GLU B 320 7.71 -20.59 -21.20
N THR B 321 7.10 -19.60 -20.57
CA THR B 321 6.36 -18.56 -21.31
C THR B 321 7.37 -17.79 -22.18
N LEU B 322 8.55 -17.54 -21.64
CA LEU B 322 9.55 -16.71 -22.35
C LEU B 322 10.17 -17.51 -23.50
N ARG B 323 10.05 -18.82 -23.45
CA ARG B 323 10.60 -19.69 -24.52
C ARG B 323 9.62 -19.72 -25.69
N LEU B 324 8.32 -19.77 -25.40
CA LEU B 324 7.31 -19.92 -26.48
C LEU B 324 6.79 -18.55 -26.91
N ARG B 325 6.83 -17.55 -26.03
CA ARG B 325 6.34 -16.21 -26.37
C ARG B 325 7.30 -15.15 -25.85
N PRO B 326 8.55 -15.13 -26.35
CA PRO B 326 9.49 -14.08 -25.96
C PRO B 326 9.03 -12.78 -26.61
N PRO B 327 9.17 -11.65 -25.92
CA PRO B 327 8.67 -10.39 -26.47
C PRO B 327 9.54 -9.85 -27.60
N ILE B 328 10.86 -10.00 -27.48
CA ILE B 328 11.79 -9.56 -28.51
C ILE B 328 12.11 -10.74 -29.43
N MET B 329 11.60 -10.70 -30.65
CA MET B 329 11.71 -11.81 -31.58
C MET B 329 13.06 -11.79 -32.31
N ILE B 330 13.58 -10.61 -32.59
CA ILE B 330 14.78 -10.46 -33.37
C ILE B 330 15.74 -9.55 -32.62
N MET B 331 17.00 -9.96 -32.55
CA MET B 331 18.09 -9.12 -32.12
C MET B 331 18.92 -8.78 -33.35
N MET B 332 19.22 -7.50 -33.54
CA MET B 332 19.74 -7.03 -34.80
C MET B 332 21.04 -6.25 -34.59
N ARG B 333 22.01 -6.46 -35.49
CA ARG B 333 23.24 -5.69 -35.50
C ARG B 333 23.62 -5.37 -36.95
N MET B 334 24.28 -4.23 -37.14
CA MET B 334 24.81 -3.84 -38.44
C MET B 334 26.27 -4.26 -38.53
N ALA B 335 26.59 -5.02 -39.59
CA ALA B 335 27.95 -5.47 -39.82
C ALA B 335 28.78 -4.29 -40.33
N ARG B 336 29.87 -3.98 -39.61
CA ARG B 336 30.77 -2.90 -40.03
C ARG B 336 32.10 -3.54 -40.45
N THR B 337 32.47 -4.64 -39.78
CA THR B 337 33.65 -5.42 -40.19
C THR B 337 33.18 -6.78 -40.68
N PRO B 338 33.83 -7.40 -41.69
CA PRO B 338 33.46 -8.72 -42.15
C PRO B 338 33.55 -9.74 -41.02
N GLN B 339 32.61 -10.69 -40.98
CA GLN B 339 32.58 -11.71 -39.94
C GLN B 339 32.57 -13.09 -40.59
N THR B 340 33.03 -14.09 -39.84
CA THR B 340 33.07 -15.47 -40.31
C THR B 340 32.15 -16.33 -39.46
N VAL B 341 31.39 -17.20 -40.12
CA VAL B 341 30.53 -18.16 -39.45
C VAL B 341 30.30 -19.35 -40.37
N ALA B 342 30.46 -20.57 -39.82
CA ALA B 342 30.14 -21.83 -40.49
C ALA B 342 30.72 -21.87 -41.91
N GLY B 343 31.89 -21.24 -42.09
CA GLY B 343 32.54 -21.22 -43.39
C GLY B 343 32.10 -20.07 -44.29
N TYR B 344 31.07 -19.33 -43.90
CA TYR B 344 30.62 -18.18 -44.69
C TYR B 344 31.22 -16.89 -44.14
N THR B 345 31.28 -15.89 -45.02
CA THR B 345 31.73 -14.56 -44.68
C THR B 345 30.58 -13.57 -44.88
N ILE B 346 30.23 -12.85 -43.81
CA ILE B 346 29.20 -11.82 -43.87
C ILE B 346 29.90 -10.50 -44.17
N PRO B 347 29.56 -9.82 -45.27
CA PRO B 347 30.22 -8.57 -45.62
C PRO B 347 29.64 -7.42 -44.81
N PRO B 348 30.41 -6.36 -44.57
CA PRO B 348 29.85 -5.11 -44.06
C PRO B 348 28.61 -4.67 -44.85
N GLY B 349 27.59 -4.20 -44.12
CA GLY B 349 26.36 -3.75 -44.73
C GLY B 349 25.16 -4.66 -44.45
N HIS B 350 25.40 -5.93 -44.14
CA HIS B 350 24.32 -6.83 -43.77
C HIS B 350 23.80 -6.50 -42.38
N GLN B 351 22.49 -6.64 -42.19
CA GLN B 351 21.87 -6.62 -40.87
C GLN B 351 21.84 -8.04 -40.36
N VAL B 352 22.70 -8.34 -39.38
CA VAL B 352 22.86 -9.69 -38.88
C VAL B 352 21.90 -9.87 -37.71
N CYS B 353 21.06 -10.91 -37.81
CA CYS B 353 19.95 -11.10 -36.90
C CYS B 353 19.99 -12.48 -36.27
N VAL B 354 19.68 -12.53 -34.97
CA VAL B 354 19.38 -13.76 -34.27
C VAL B 354 17.94 -13.66 -33.77
N SER B 355 17.24 -14.78 -33.79
CA SER B 355 15.85 -14.83 -33.32
C SER B 355 15.74 -15.77 -32.13
N PRO B 356 15.65 -15.24 -30.90
CA PRO B 356 15.35 -16.08 -29.74
C PRO B 356 14.13 -16.95 -29.97
N THR B 357 13.12 -16.38 -30.63
CA THR B 357 11.83 -17.06 -30.82
C THR B 357 12.03 -18.35 -31.62
N VAL B 358 12.97 -18.35 -32.54
CA VAL B 358 13.18 -19.52 -33.42
C VAL B 358 14.06 -20.55 -32.71
N ASN B 359 15.14 -20.07 -32.12
CA ASN B 359 16.11 -20.99 -31.49
C ASN B 359 15.44 -21.66 -30.30
N GLN B 360 14.30 -21.12 -29.85
CA GLN B 360 13.64 -21.65 -28.64
C GLN B 360 12.48 -22.57 -29.03
N ARG B 361 12.40 -22.98 -30.30
CA ARG B 361 11.36 -23.94 -30.75
C ARG B 361 11.96 -24.81 -31.85
N LEU B 362 13.25 -24.67 -32.09
CA LEU B 362 13.93 -25.40 -33.19
C LEU B 362 13.72 -26.91 -33.05
N LYS B 363 13.06 -27.51 -34.05
CA LYS B 363 12.86 -28.97 -34.09
C LYS B 363 14.16 -29.69 -33.78
N ASP B 364 15.32 -29.10 -34.11
CA ASP B 364 16.59 -29.79 -33.96
C ASP B 364 16.96 -30.03 -32.50
N SER B 365 16.40 -29.25 -31.57
CA SER B 365 16.85 -29.30 -30.19
C SER B 365 15.71 -29.37 -29.16
N TRP B 366 14.48 -28.99 -29.53
CA TRP B 366 13.41 -28.92 -28.54
C TRP B 366 12.42 -30.07 -28.75
N VAL B 367 12.35 -30.97 -27.76
CA VAL B 367 11.33 -32.05 -27.79
C VAL B 367 9.97 -31.43 -27.42
N GLU B 368 8.90 -31.76 -28.16
CA GLU B 368 7.58 -31.15 -27.95
C GLU B 368 7.77 -29.63 -27.95
N ARG B 369 8.29 -29.14 -29.07
CA ARG B 369 8.68 -27.73 -29.22
C ARG B 369 7.51 -26.79 -28.99
N LEU B 370 6.27 -27.21 -29.28
CA LEU B 370 5.16 -26.30 -29.12
C LEU B 370 4.37 -26.57 -27.84
N ASP B 371 4.84 -27.50 -27.01
CA ASP B 371 4.13 -27.86 -25.80
C ASP B 371 4.59 -26.94 -24.68
N PHE B 372 3.64 -26.35 -23.96
CA PHE B 372 3.96 -25.53 -22.80
C PHE B 372 4.23 -26.49 -21.65
N ASN B 373 5.50 -26.83 -21.45
CA ASN B 373 5.88 -27.87 -20.51
C ASN B 373 6.94 -27.31 -19.56
N PRO B 374 6.53 -26.65 -18.47
CA PRO B 374 7.51 -26.04 -17.57
C PRO B 374 8.43 -27.02 -16.87
N ASP B 375 8.10 -28.32 -16.90
CA ASP B 375 8.92 -29.34 -16.29
C ASP B 375 10.01 -29.84 -17.24
N ARG B 376 10.18 -29.18 -18.40
CA ARG B 376 11.15 -29.60 -19.41
C ARG B 376 12.55 -29.23 -18.95
N TYR B 377 12.66 -28.35 -17.94
CA TYR B 377 13.93 -27.85 -17.46
C TYR B 377 14.45 -28.65 -16.27
N LEU B 378 13.68 -29.64 -15.80
CA LEU B 378 14.14 -30.59 -14.81
C LEU B 378 14.95 -31.72 -15.44
N GLN B 379 15.10 -31.71 -16.77
CA GLN B 379 15.81 -32.75 -17.52
C GLN B 379 16.90 -32.12 -18.38
N ASP B 380 17.52 -32.93 -19.24
CA ASP B 380 18.38 -32.35 -20.28
C ASP B 380 17.49 -31.53 -21.22
N ASN B 381 17.86 -30.26 -21.40
CA ASN B 381 17.10 -29.32 -22.21
C ASN B 381 18.14 -28.45 -22.93
N PRO B 382 17.85 -27.93 -24.13
CA PRO B 382 18.81 -27.07 -24.82
C PRO B 382 19.21 -25.82 -24.03
N ALA B 383 18.35 -25.38 -23.10
CA ALA B 383 18.64 -24.20 -22.30
C ALA B 383 19.86 -24.42 -21.40
N SER B 384 20.02 -25.64 -20.88
CA SER B 384 21.21 -26.02 -20.13
C SER B 384 22.25 -26.72 -21.00
N GLY B 385 21.81 -27.49 -22.01
CA GLY B 385 22.71 -28.30 -22.83
C GLY B 385 23.41 -27.54 -23.95
N GLU B 386 22.97 -26.32 -24.26
CA GLU B 386 23.64 -25.50 -25.28
C GLU B 386 23.76 -24.08 -24.73
N LYS B 387 24.55 -23.23 -25.37
CA LYS B 387 24.79 -21.87 -24.85
C LYS B 387 23.75 -20.87 -25.36
N PHE B 388 23.33 -20.97 -26.62
CA PHE B 388 22.50 -19.90 -27.20
C PHE B 388 21.23 -20.45 -27.87
N ALA B 389 20.67 -21.53 -27.32
CA ALA B 389 19.40 -22.06 -27.81
C ALA B 389 18.26 -21.33 -27.10
N TYR B 390 18.42 -21.10 -25.80
CA TYR B 390 17.43 -20.38 -25.01
C TYR B 390 18.03 -19.03 -24.62
N VAL B 391 17.60 -17.97 -25.31
CA VAL B 391 18.21 -16.65 -25.15
C VAL B 391 17.14 -15.57 -25.13
N PRO B 392 16.16 -15.62 -24.21
CA PRO B 392 15.07 -14.63 -24.23
C PRO B 392 15.54 -13.22 -23.83
N PHE B 393 16.56 -13.14 -22.99
CA PHE B 393 17.10 -11.84 -22.54
C PHE B 393 18.39 -11.54 -23.29
N GLY B 394 18.70 -12.34 -24.31
CA GLY B 394 19.98 -12.23 -25.00
C GLY B 394 21.03 -13.13 -24.36
N ALA B 395 22.30 -12.84 -24.60
CA ALA B 395 23.38 -13.63 -24.01
C ALA B 395 24.72 -12.96 -24.32
N GLY B 396 25.64 -13.04 -23.36
CA GLY B 396 26.96 -12.45 -23.58
C GLY B 396 26.96 -10.97 -23.27
N ARG B 397 27.74 -10.21 -24.04
CA ARG B 397 27.83 -8.75 -23.83
C ARG B 397 26.51 -8.12 -24.23
N HIS B 398 25.59 -8.94 -24.72
CA HIS B 398 24.31 -8.41 -25.23
C HIS B 398 23.19 -9.07 -24.43
N ARG B 399 23.20 -8.78 -23.13
CA ARG B 399 22.14 -9.35 -22.29
C ARG B 399 21.42 -8.18 -21.61
N CYS B 400 20.10 -8.29 -21.50
CA CYS B 400 19.23 -7.33 -20.82
C CYS B 400 19.72 -7.07 -19.40
N ILE B 401 19.79 -5.80 -19.01
CA ILE B 401 20.25 -5.41 -17.66
C ILE B 401 19.07 -5.49 -16.68
N GLY B 402 17.84 -5.50 -17.20
CA GLY B 402 16.64 -5.53 -16.39
C GLY B 402 16.08 -6.93 -16.13
N GLU B 403 16.85 -7.98 -16.46
CA GLU B 403 16.37 -9.35 -16.33
C GLU B 403 15.98 -9.68 -14.90
N ASN B 404 16.84 -9.30 -13.94
CA ASN B 404 16.57 -9.63 -12.55
C ASN B 404 15.34 -8.90 -12.04
N PHE B 405 15.13 -7.65 -12.47
CA PHE B 405 13.95 -6.92 -12.07
C PHE B 405 12.69 -7.48 -12.74
N ALA B 406 12.82 -7.88 -14.01
CA ALA B 406 11.72 -8.52 -14.72
C ALA B 406 11.23 -9.75 -13.96
N TYR B 407 12.17 -10.53 -13.40
CA TYR B 407 11.79 -11.74 -12.67
C TYR B 407 11.11 -11.39 -11.35
N VAL B 408 11.62 -10.38 -10.65
CA VAL B 408 11.02 -9.98 -9.39
C VAL B 408 9.62 -9.44 -9.65
N GLN B 409 9.49 -8.61 -10.67
CA GLN B 409 8.22 -7.95 -10.92
C GLN B 409 7.17 -8.95 -11.36
N ILE B 410 7.53 -9.88 -12.24
CA ILE B 410 6.57 -10.82 -12.78
C ILE B 410 6.19 -11.86 -11.72
N LYS B 411 7.17 -12.36 -10.96
CA LYS B 411 6.88 -13.31 -9.91
C LYS B 411 5.97 -12.70 -8.84
N THR B 412 6.21 -11.44 -8.47
CA THR B 412 5.44 -10.81 -7.41
C THR B 412 4.00 -10.56 -7.88
N ILE B 413 3.86 -10.07 -9.11
CA ILE B 413 2.53 -9.81 -9.66
C ILE B 413 1.74 -11.10 -9.75
N TRP B 414 2.36 -12.15 -10.30
CA TRP B 414 1.62 -13.37 -10.57
C TRP B 414 1.41 -14.22 -9.32
N SER B 415 2.36 -14.18 -8.38
CA SER B 415 2.12 -14.76 -7.08
C SER B 415 0.88 -14.11 -6.45
N THR B 416 0.82 -12.78 -6.48
CA THR B 416 -0.30 -12.06 -5.90
C THR B 416 -1.59 -12.35 -6.66
N MET B 417 -1.50 -12.39 -7.99
CA MET B 417 -2.69 -12.64 -8.81
C MET B 417 -3.22 -14.06 -8.59
N LEU B 418 -2.31 -15.04 -8.46
CA LEU B 418 -2.74 -16.41 -8.20
C LEU B 418 -3.44 -16.51 -6.83
N ARG B 419 -2.98 -15.73 -5.85
CA ARG B 419 -3.64 -15.72 -4.56
C ARG B 419 -5.03 -15.09 -4.64
N LEU B 420 -5.19 -14.09 -5.50
CA LEU B 420 -6.44 -13.34 -5.56
C LEU B 420 -7.50 -14.11 -6.34
N TYR B 421 -7.11 -14.71 -7.47
CA TYR B 421 -8.10 -15.20 -8.43
C TYR B 421 -7.72 -16.58 -8.96
N GLU B 422 -8.70 -17.21 -9.60
CA GLU B 422 -8.51 -18.38 -10.45
C GLU B 422 -8.88 -17.98 -11.87
N PHE B 423 -8.09 -18.45 -12.85
CA PHE B 423 -8.18 -17.95 -14.23
C PHE B 423 -8.55 -19.06 -15.20
N ASP B 424 -9.29 -18.67 -16.25
CA ASP B 424 -9.81 -19.59 -17.25
C ASP B 424 -9.85 -18.90 -18.60
N LEU B 425 -9.84 -19.73 -19.65
CA LEU B 425 -10.14 -19.22 -20.98
C LEU B 425 -11.62 -18.90 -21.07
N ILE B 426 -11.96 -18.01 -22.01
CA ILE B 426 -13.35 -17.70 -22.31
C ILE B 426 -13.77 -18.56 -23.50
N ASP B 427 -14.61 -19.57 -23.22
CA ASP B 427 -15.05 -20.54 -24.21
C ASP B 427 -13.86 -21.24 -24.85
N GLY B 428 -12.80 -21.45 -24.07
CA GLY B 428 -11.64 -22.18 -24.53
C GLY B 428 -10.90 -21.52 -25.68
N TYR B 429 -11.02 -20.20 -25.82
CA TYR B 429 -10.26 -19.46 -26.81
C TYR B 429 -8.86 -19.15 -26.25
N PHE B 430 -7.83 -19.54 -27.00
CA PHE B 430 -6.47 -19.17 -26.64
C PHE B 430 -5.98 -18.10 -27.60
N PRO B 431 -5.51 -16.95 -27.09
CA PRO B 431 -5.16 -15.82 -27.98
C PRO B 431 -4.10 -16.18 -29.02
N THR B 432 -4.44 -15.90 -30.28
CA THR B 432 -3.48 -16.01 -31.37
C THR B 432 -2.45 -14.89 -31.24
N VAL B 433 -1.33 -15.08 -31.93
CA VAL B 433 -0.22 -14.13 -31.87
C VAL B 433 -0.45 -13.06 -32.91
N ASN B 434 -0.49 -11.80 -32.45
CA ASN B 434 -0.50 -10.67 -33.37
C ASN B 434 0.93 -10.37 -33.80
N TYR B 435 1.27 -10.76 -35.03
CA TYR B 435 2.62 -10.59 -35.58
C TYR B 435 2.88 -9.19 -36.13
N THR B 436 1.83 -8.37 -36.23
CA THR B 436 1.90 -7.04 -36.86
C THR B 436 2.52 -6.02 -35.90
N THR B 437 2.48 -6.29 -34.60
CA THR B 437 3.04 -5.38 -33.59
C THR B 437 4.54 -5.60 -33.48
N MET B 438 5.28 -4.57 -33.05
CA MET B 438 6.75 -4.67 -32.94
C MET B 438 7.05 -5.80 -31.94
N ILE B 439 6.46 -5.69 -30.75
CA ILE B 439 6.49 -6.81 -29.81
C ILE B 439 5.17 -7.55 -30.02
N HIS B 440 5.27 -8.86 -30.24
CA HIS B 440 4.10 -9.68 -30.55
C HIS B 440 3.13 -9.61 -29.38
N THR B 441 1.87 -9.31 -29.69
CA THR B 441 0.84 -9.15 -28.67
C THR B 441 -0.18 -10.28 -28.81
N PRO B 442 -0.91 -10.64 -27.73
CA PRO B 442 -2.05 -11.56 -27.84
C PRO B 442 -3.30 -10.87 -28.38
N GLU B 443 -3.96 -11.55 -29.31
CA GLU B 443 -5.20 -11.06 -29.91
C GLU B 443 -6.37 -11.26 -28.94
N ASN B 444 -7.17 -10.21 -28.76
CA ASN B 444 -8.35 -10.23 -27.91
C ASN B 444 -8.01 -10.89 -26.57
N PRO B 445 -7.15 -10.26 -25.75
CA PRO B 445 -6.65 -10.89 -24.53
C PRO B 445 -7.56 -10.69 -23.31
N VAL B 446 -8.84 -10.99 -23.50
CA VAL B 446 -9.79 -10.99 -22.40
C VAL B 446 -9.77 -12.38 -21.77
N ILE B 447 -9.67 -12.42 -20.44
CA ILE B 447 -9.55 -13.66 -19.68
C ILE B 447 -10.71 -13.73 -18.69
N ARG B 448 -11.11 -14.95 -18.34
CA ARG B 448 -12.15 -15.15 -17.33
C ARG B 448 -11.50 -15.38 -15.98
N TYR B 449 -12.05 -14.77 -14.94
CA TYR B 449 -11.49 -14.89 -13.61
C TYR B 449 -12.61 -15.03 -12.58
N LYS B 450 -12.22 -15.54 -11.40
CA LYS B 450 -13.14 -15.70 -10.24
C LYS B 450 -12.26 -15.75 -8.98
N ARG B 451 -12.82 -15.51 -7.79
CA ARG B 451 -12.02 -15.48 -6.53
C ARG B 451 -11.51 -16.88 -6.18
N ARG B 452 -10.35 -16.97 -5.53
CA ARG B 452 -9.72 -18.28 -5.23
C ARG B 452 -10.49 -19.02 -4.14
N SER B 453 -11.36 -19.96 -4.54
CA SER B 453 -12.17 -20.74 -3.58
C SER B 453 -12.50 -19.89 -2.34
#